data_2HNK
#
_entry.id   2HNK
#
_cell.length_a   157.810
_cell.length_b   60.331
_cell.length_c   138.232
_cell.angle_alpha   90.000
_cell.angle_beta   90.000
_cell.angle_gamma   90.000
#
_symmetry.space_group_name_H-M   'P 2 2 21'
#
loop_
_entity.id
_entity.type
_entity.pdbx_description
1 polymer 'SAM-dependent O-methyltransferase'
2 non-polymer 'SULFATE ION'
3 non-polymer S-ADENOSYL-L-HOMOCYSTEINE
4 non-polymer DI(HYDROXYETHYL)ETHER
5 water water
#
_entity_poly.entity_id   1
_entity_poly.type   'polypeptide(L)'
_entity_poly.pdbx_seq_one_letter_code
;MSRKNISLTESLEEYIFRNSVREPDSFLKLRKETGTLAQANMQISPEEGQFLNILTKISGAKRIIEIGTFTGYSSLCFAS
ALPEDGKILCCDVSEEWTNVARKYWKENGLENKIFLKLGSALETLQVLIDSKSAPSWASDFAFGPSSIDLFFLDADKENY
PNYYPLILKLLKPGGLLIADNVLWDGSVADLSHQEPSTVGIRKFNELVYNDSLVDVSLVPIADGVSLVRKRLEHHHHHH
;
_entity_poly.pdbx_strand_id   A,B,C
#
# COMPACT_ATOMS: atom_id res chain seq x y z
N ARG A 3 -3.15 17.49 -28.14
CA ARG A 3 -4.37 17.52 -29.00
C ARG A 3 -5.46 16.57 -28.51
N LYS A 4 -5.07 15.42 -28.00
CA LYS A 4 -6.02 14.48 -27.38
C LYS A 4 -6.25 14.89 -25.93
N ASN A 5 -5.17 15.12 -25.20
CA ASN A 5 -5.26 15.57 -23.83
C ASN A 5 -5.00 17.07 -23.72
N ILE A 6 -5.64 17.67 -22.73
CA ILE A 6 -5.36 19.02 -22.31
C ILE A 6 -3.86 19.22 -22.07
N SER A 7 -3.34 20.37 -22.52
CA SER A 7 -1.99 20.79 -22.18
C SER A 7 -1.98 21.34 -20.77
N LEU A 8 -1.18 20.74 -19.91
CA LEU A 8 -1.11 21.19 -18.53
C LEU A 8 -0.10 22.31 -18.39
N THR A 9 -0.44 23.25 -17.52
CA THR A 9 0.49 24.29 -17.12
C THR A 9 0.68 24.11 -15.62
N GLU A 10 1.68 24.78 -15.07
CA GLU A 10 1.91 24.69 -13.64
C GLU A 10 0.77 25.32 -12.84
N SER A 11 0.14 26.34 -13.42
CA SER A 11 -0.98 26.98 -12.75
C SER A 11 -2.27 26.14 -12.83
N LEU A 12 -2.40 25.37 -13.92
CA LEU A 12 -3.47 24.38 -14.01
C LEU A 12 -3.23 23.20 -13.06
N GLU A 13 -1.97 22.78 -12.92
CA GLU A 13 -1.60 21.77 -11.93
C GLU A 13 -1.84 22.24 -10.50
N GLU A 14 -1.58 23.51 -10.24
CA GLU A 14 -1.90 24.12 -8.96
C GLU A 14 -3.41 24.05 -8.70
N TYR A 15 -4.21 24.39 -9.71
CA TYR A 15 -5.68 24.31 -9.64
C TYR A 15 -6.18 22.88 -9.33
N ILE A 16 -5.61 21.90 -10.02
CA ILE A 16 -5.92 20.49 -9.79
C ILE A 16 -5.64 20.09 -8.33
N PHE A 17 -4.47 20.48 -7.85
CA PHE A 17 -4.07 20.25 -6.47
C PHE A 17 -5.10 20.83 -5.49
N ARG A 18 -5.47 22.09 -5.69
CA ARG A 18 -6.38 22.79 -4.79
C ARG A 18 -7.79 22.24 -4.82
N ASN A 19 -8.16 21.58 -5.90
CA ASN A 19 -9.50 21.04 -6.08
C ASN A 19 -9.66 19.53 -5.98
N SER A 20 -8.61 18.83 -5.56
CA SER A 20 -8.68 17.37 -5.41
C SER A 20 -7.90 16.82 -4.21
N VAL A 21 -6.73 17.39 -3.92
CA VAL A 21 -5.83 16.83 -2.92
C VAL A 21 -6.16 17.26 -1.50
N ARG A 22 -6.48 16.27 -0.66
CA ARG A 22 -6.74 16.47 0.76
C ARG A 22 -5.72 15.59 1.50
N GLU A 23 -4.51 16.11 1.67
CA GLU A 23 -3.40 15.30 2.12
C GLU A 23 -3.19 15.37 3.63
N PRO A 24 -3.17 14.20 4.30
CA PRO A 24 -2.82 14.15 5.72
C PRO A 24 -1.41 14.69 5.96
N ASP A 25 -1.25 15.40 7.08
CA ASP A 25 0.03 16.01 7.47
CA ASP A 25 0.04 16.01 7.43
C ASP A 25 1.19 15.01 7.46
N SER A 26 0.89 13.77 7.85
CA SER A 26 1.91 12.71 7.89
C SER A 26 2.46 12.42 6.49
N PHE A 27 1.56 12.34 5.50
CA PHE A 27 1.89 12.06 4.10
C PHE A 27 2.75 13.19 3.53
N LEU A 28 2.37 14.43 3.83
CA LEU A 28 3.13 15.61 3.43
C LEU A 28 4.54 15.56 4.01
N LYS A 29 4.62 15.25 5.29
CA LYS A 29 5.89 15.13 5.99
C LYS A 29 6.82 14.09 5.34
N LEU A 30 6.26 12.94 4.95
CA LEU A 30 7.02 11.91 4.22
C LEU A 30 7.59 12.42 2.91
N ARG A 31 6.80 13.17 2.14
CA ARG A 31 7.25 13.76 0.87
C ARG A 31 8.41 14.73 1.08
N LYS A 32 8.26 15.62 2.06
CA LYS A 32 9.33 16.54 2.44
C LYS A 32 10.59 15.78 2.84
N GLU A 33 10.44 14.71 3.63
CA GLU A 33 11.58 13.90 4.05
C GLU A 33 12.26 13.23 2.87
N THR A 34 11.47 12.56 2.03
CA THR A 34 11.94 11.90 0.81
C THR A 34 12.66 12.90 -0.10
N GLY A 35 12.12 14.11 -0.17
CA GLY A 35 12.71 15.22 -0.92
C GLY A 35 14.15 15.52 -0.55
N THR A 36 14.52 15.33 0.72
CA THR A 36 15.89 15.56 1.18
C THR A 36 16.87 14.49 0.66
N LEU A 37 16.35 13.35 0.22
CA LEU A 37 17.17 12.25 -0.28
C LEU A 37 16.80 11.84 -1.70
N ASN A 41 12.84 12.43 -6.32
CA ASN A 41 11.96 12.40 -7.50
C ASN A 41 11.35 11.00 -7.72
N MET A 42 12.06 9.98 -7.25
CA MET A 42 11.63 8.58 -7.39
C MET A 42 10.28 8.25 -6.72
N GLN A 43 9.68 9.22 -6.01
CA GLN A 43 8.36 9.04 -5.42
C GLN A 43 7.24 9.83 -6.11
N ILE A 44 6.00 9.40 -5.85
CA ILE A 44 4.83 9.94 -6.53
C ILE A 44 4.35 11.32 -6.03
N SER A 45 3.47 11.96 -6.79
CA SER A 45 2.79 13.18 -6.37
C SER A 45 1.63 12.80 -5.44
N PRO A 46 1.16 13.76 -4.60
CA PRO A 46 -0.04 13.47 -3.83
C PRO A 46 -1.26 13.15 -4.71
N GLU A 47 -1.30 13.74 -5.90
CA GLU A 47 -2.33 13.48 -6.90
C GLU A 47 -2.35 12.01 -7.35
N GLU A 48 -1.17 11.44 -7.60
CA GLU A 48 -1.12 10.03 -7.97
C GLU A 48 -1.53 9.15 -6.78
N GLY A 49 -1.04 9.50 -5.59
CA GLY A 49 -1.46 8.86 -4.36
C GLY A 49 -2.97 8.72 -4.19
N GLN A 50 -3.70 9.81 -4.45
CA GLN A 50 -5.17 9.83 -4.31
CA GLN A 50 -5.16 9.78 -4.27
C GLN A 50 -5.85 9.04 -5.42
N PHE A 51 -5.20 9.00 -6.59
CA PHE A 51 -5.66 8.20 -7.71
C PHE A 51 -5.59 6.70 -7.34
N LEU A 52 -4.47 6.30 -6.74
CA LEU A 52 -4.28 4.94 -6.24
C LEU A 52 -5.25 4.61 -5.10
N ASN A 53 -5.48 5.60 -4.24
CA ASN A 53 -6.44 5.49 -3.16
C ASN A 53 -7.84 5.14 -3.70
N ILE A 54 -8.31 5.96 -4.64
CA ILE A 54 -9.64 5.81 -5.19
C ILE A 54 -9.82 4.52 -5.99
N LEU A 55 -8.80 4.14 -6.77
CA LEU A 55 -8.79 2.85 -7.48
C LEU A 55 -8.83 1.63 -6.55
N THR A 56 -8.16 1.72 -5.40
CA THR A 56 -8.23 0.67 -4.37
C THR A 56 -9.66 0.45 -3.85
N LYS A 57 -10.37 1.53 -3.57
CA LYS A 57 -11.74 1.46 -3.03
C LYS A 57 -12.74 1.02 -4.10
N ILE A 58 -12.66 1.64 -5.27
CA ILE A 58 -13.46 1.26 -6.43
C ILE A 58 -13.32 -0.23 -6.75
N SER A 59 -12.10 -0.76 -6.74
CA SER A 59 -11.84 -2.16 -7.11
C SER A 59 -12.31 -3.15 -6.05
N GLY A 60 -12.46 -2.67 -4.82
CA GLY A 60 -12.82 -3.49 -3.67
C GLY A 60 -11.73 -4.44 -3.22
N ALA A 61 -10.49 -4.11 -3.55
CA ALA A 61 -9.31 -4.97 -3.27
C ALA A 61 -9.12 -5.17 -1.78
N LYS A 62 -8.77 -6.40 -1.39
CA LYS A 62 -8.43 -6.71 -0.01
C LYS A 62 -7.01 -7.28 0.13
N ARG A 63 -6.43 -7.70 -0.98
CA ARG A 63 -5.05 -8.19 -0.98
C ARG A 63 -4.27 -7.49 -2.07
N ILE A 64 -3.30 -6.67 -1.66
CA ILE A 64 -2.51 -5.88 -2.58
C ILE A 64 -1.06 -6.33 -2.46
N ILE A 65 -0.37 -6.42 -3.59
CA ILE A 65 1.09 -6.52 -3.57
C ILE A 65 1.70 -5.30 -4.24
N GLU A 66 2.64 -4.66 -3.53
CA GLU A 66 3.40 -3.57 -4.09
C GLU A 66 4.81 -4.04 -4.41
N ILE A 67 5.18 -3.89 -5.69
CA ILE A 67 6.53 -4.23 -6.17
C ILE A 67 7.29 -2.92 -6.33
N GLY A 68 8.08 -2.58 -5.32
CA GLY A 68 8.78 -1.31 -5.31
C GLY A 68 8.13 -0.35 -4.35
N THR A 69 8.75 -0.19 -3.19
CA THR A 69 8.17 0.53 -2.05
C THR A 69 8.93 1.83 -1.75
N PHE A 70 10.27 1.77 -1.78
CA PHE A 70 11.09 2.95 -1.49
C PHE A 70 10.72 3.50 -0.11
N THR A 71 10.49 4.80 0.02
CA THR A 71 10.21 5.40 1.32
C THR A 71 8.74 5.32 1.75
N GLY A 72 7.90 4.80 0.86
CA GLY A 72 6.67 4.17 1.26
C GLY A 72 5.40 4.95 0.99
N TYR A 73 5.46 5.99 0.17
CA TYR A 73 4.30 6.86 -0.02
C TYR A 73 3.06 6.20 -0.62
N SER A 74 3.25 5.45 -1.70
CA SER A 74 2.16 4.69 -2.29
C SER A 74 1.62 3.60 -1.37
N SER A 75 2.50 2.89 -0.65
CA SER A 75 2.08 1.89 0.33
C SER A 75 1.19 2.50 1.42
N LEU A 76 1.48 3.73 1.81
CA LEU A 76 0.69 4.46 2.78
C LEU A 76 -0.72 4.77 2.24
N CYS A 77 -0.78 5.10 0.95
CA CYS A 77 -2.05 5.33 0.26
C CYS A 77 -2.88 4.06 0.14
N PHE A 78 -2.23 2.96 -0.24
CA PHE A 78 -2.87 1.66 -0.33
C PHE A 78 -3.37 1.17 1.03
N ALA A 79 -2.51 1.21 2.04
CA ALA A 79 -2.82 0.73 3.38
C ALA A 79 -3.95 1.50 4.05
N SER A 80 -4.00 2.82 3.86
CA SER A 80 -5.09 3.59 4.42
C SER A 80 -6.38 3.51 3.59
N ALA A 81 -6.25 3.26 2.29
CA ALA A 81 -7.43 3.06 1.41
C ALA A 81 -8.12 1.72 1.68
N LEU A 82 -7.34 0.72 2.05
CA LEU A 82 -7.84 -0.63 2.29
C LEU A 82 -8.84 -0.69 3.43
N PRO A 83 -9.80 -1.63 3.35
CA PRO A 83 -10.74 -1.75 4.49
C PRO A 83 -10.00 -2.33 5.69
N GLU A 84 -10.68 -2.33 6.85
CA GLU A 84 -10.11 -2.82 8.10
C GLU A 84 -9.47 -4.20 7.94
N ASP A 85 -10.10 -5.05 7.12
CA ASP A 85 -9.61 -6.40 6.87
C ASP A 85 -8.71 -6.52 5.61
N GLY A 86 -8.40 -5.40 4.98
CA GLY A 86 -7.54 -5.37 3.80
C GLY A 86 -6.08 -5.43 4.17
N LYS A 87 -5.26 -6.01 3.30
CA LYS A 87 -3.81 -6.15 3.54
C LYS A 87 -2.92 -5.89 2.32
N ILE A 88 -1.73 -5.35 2.57
CA ILE A 88 -0.75 -5.10 1.52
C ILE A 88 0.60 -5.77 1.85
N LEU A 89 1.16 -6.45 0.86
CA LEU A 89 2.53 -6.94 0.92
C LEU A 89 3.42 -6.04 0.08
N CYS A 90 4.48 -5.53 0.70
CA CYS A 90 5.45 -4.68 0.03
C CYS A 90 6.73 -5.45 -0.28
N CYS A 91 7.21 -5.31 -1.52
CA CYS A 91 8.46 -5.95 -1.97
C CYS A 91 9.48 -4.90 -2.37
N ASP A 92 10.65 -4.92 -1.72
CA ASP A 92 11.68 -3.94 -1.97
C ASP A 92 13.07 -4.53 -1.73
N VAL A 93 14.07 -3.99 -2.40
CA VAL A 93 15.45 -4.46 -2.20
C VAL A 93 16.15 -3.76 -1.03
N SER A 94 15.62 -2.62 -0.60
CA SER A 94 16.32 -1.74 0.32
C SER A 94 15.75 -1.77 1.74
N GLU A 95 16.57 -2.24 2.69
CA GLU A 95 16.26 -2.07 4.11
C GLU A 95 16.22 -0.59 4.48
N GLU A 96 17.19 0.17 3.95
CA GLU A 96 17.34 1.59 4.26
C GLU A 96 16.11 2.45 3.97
N TRP A 97 15.53 2.30 2.77
CA TRP A 97 14.37 3.09 2.38
C TRP A 97 13.09 2.59 3.03
N THR A 98 12.92 1.28 3.10
CA THR A 98 11.74 0.71 3.77
C THR A 98 11.73 0.97 5.27
N ASN A 99 12.91 1.28 5.84
CA ASN A 99 13.00 1.78 7.21
C ASN A 99 12.26 3.11 7.37
N VAL A 100 12.40 3.98 6.36
CA VAL A 100 11.60 5.22 6.32
C VAL A 100 10.12 4.91 6.11
N ALA A 101 9.83 3.93 5.26
CA ALA A 101 8.45 3.51 5.04
C ALA A 101 7.80 3.09 6.34
N ARG A 102 8.47 2.24 7.12
CA ARG A 102 7.89 1.74 8.37
C ARG A 102 7.70 2.84 9.41
N LYS A 103 8.61 3.80 9.43
CA LYS A 103 8.48 4.95 10.31
C LYS A 103 7.11 5.59 10.12
N TYR A 104 6.71 5.74 8.87
CA TYR A 104 5.41 6.32 8.55
C TYR A 104 4.21 5.36 8.66
N TRP A 105 4.41 4.09 8.34
CA TRP A 105 3.42 3.05 8.64
C TRP A 105 3.02 3.10 10.13
N LYS A 106 4.04 3.16 10.98
CA LYS A 106 3.89 3.11 12.43
C LYS A 106 3.23 4.39 12.96
N GLU A 107 3.67 5.54 12.44
CA GLU A 107 3.10 6.84 12.76
C GLU A 107 1.57 6.88 12.50
N ASN A 108 1.15 6.16 11.45
CA ASN A 108 -0.24 6.14 11.05
C ASN A 108 -0.98 4.92 11.60
N GLY A 109 -0.28 4.10 12.37
CA GLY A 109 -0.87 2.91 13.00
C GLY A 109 -1.34 1.85 12.01
N LEU A 110 -0.58 1.66 10.93
CA LEU A 110 -1.02 0.82 9.81
C LEU A 110 -0.29 -0.51 9.71
N GLU A 111 0.72 -0.70 10.55
CA GLU A 111 1.60 -1.87 10.48
C GLU A 111 0.90 -3.21 10.48
N ASN A 112 -0.21 -3.33 11.24
CA ASN A 112 -0.95 -4.57 11.28
C ASN A 112 -1.44 -5.01 9.89
N LYS A 113 -1.70 -4.03 9.02
CA LYS A 113 -2.23 -4.28 7.67
C LYS A 113 -1.11 -4.55 6.66
N ILE A 114 0.12 -4.33 7.06
CA ILE A 114 1.25 -4.30 6.13
C ILE A 114 2.24 -5.45 6.34
N PHE A 115 2.66 -6.04 5.22
CA PHE A 115 3.65 -7.11 5.19
C PHE A 115 4.85 -6.65 4.37
N LEU A 116 6.03 -7.20 4.69
CA LEU A 116 7.27 -6.80 4.04
C LEU A 116 8.18 -7.98 3.75
N LYS A 117 8.67 -8.03 2.51
CA LYS A 117 9.71 -8.96 2.13
C LYS A 117 10.80 -8.21 1.40
N LEU A 118 11.99 -8.19 1.99
CA LEU A 118 13.16 -7.60 1.35
C LEU A 118 13.85 -8.61 0.45
N GLY A 119 14.38 -8.12 -0.66
CA GLY A 119 15.09 -8.95 -1.63
C GLY A 119 14.61 -8.72 -3.04
N SER A 120 15.15 -9.51 -3.96
CA SER A 120 14.73 -9.55 -5.36
C SER A 120 13.27 -9.91 -5.47
N ALA A 121 12.45 -8.98 -5.98
CA ALA A 121 11.00 -9.19 -6.07
C ALA A 121 10.62 -10.30 -7.04
N LEU A 122 11.45 -10.51 -8.07
CA LEU A 122 11.28 -11.68 -8.94
C LEU A 122 11.28 -12.99 -8.13
N GLU A 123 12.16 -13.06 -7.13
CA GLU A 123 12.26 -14.24 -6.28
C GLU A 123 11.12 -14.33 -5.27
N THR A 124 10.78 -13.19 -4.67
CA THR A 124 9.64 -13.09 -3.75
C THR A 124 8.34 -13.56 -4.41
N LEU A 125 8.07 -13.07 -5.62
CA LEU A 125 6.83 -13.41 -6.32
C LEU A 125 6.78 -14.89 -6.69
N GLN A 126 7.89 -15.42 -7.19
CA GLN A 126 7.96 -16.84 -7.57
C GLN A 126 7.76 -17.75 -6.36
N VAL A 127 8.45 -17.45 -5.26
CA VAL A 127 8.28 -18.16 -4.00
C VAL A 127 6.81 -18.16 -3.54
N LEU A 128 6.14 -17.02 -3.65
CA LEU A 128 4.74 -16.89 -3.28
C LEU A 128 3.82 -17.77 -4.13
N ILE A 129 4.09 -17.81 -5.44
CA ILE A 129 3.38 -18.66 -6.42
C ILE A 129 3.53 -20.14 -6.09
N ASP A 130 4.75 -20.55 -5.76
CA ASP A 130 5.09 -21.97 -5.58
C ASP A 130 4.82 -22.52 -4.18
N SER A 131 4.59 -21.62 -3.23
CA SER A 131 4.36 -21.98 -1.83
C SER A 131 3.16 -22.90 -1.60
N LYS A 132 3.42 -24.04 -0.94
CA LYS A 132 2.36 -24.97 -0.55
C LYS A 132 1.63 -24.49 0.69
N SER A 133 2.38 -23.90 1.60
CA SER A 133 1.79 -23.17 2.72
C SER A 133 2.40 -21.78 2.73
N ALA A 134 1.82 -20.89 3.51
CA ALA A 134 2.28 -19.51 3.54
C ALA A 134 3.68 -19.41 4.15
N PRO A 135 4.59 -18.71 3.46
CA PRO A 135 5.87 -18.40 4.09
C PRO A 135 5.65 -17.45 5.26
N SER A 136 6.57 -17.46 6.23
CA SER A 136 6.47 -16.63 7.43
C SER A 136 5.99 -15.21 7.12
N TRP A 137 6.63 -14.59 6.12
CA TRP A 137 6.37 -13.19 5.75
C TRP A 137 5.05 -12.95 5.01
N ALA A 138 4.33 -14.02 4.68
CA ALA A 138 3.03 -13.92 4.00
C ALA A 138 1.93 -14.70 4.72
N SER A 139 2.23 -15.17 5.93
CA SER A 139 1.26 -15.85 6.78
C SER A 139 0.16 -14.84 7.12
N ASP A 140 -1.08 -15.24 6.89
CA ASP A 140 -2.26 -14.36 7.05
C ASP A 140 -2.38 -13.25 6.01
N PHE A 141 -1.64 -13.37 4.91
CA PHE A 141 -1.84 -12.51 3.78
C PHE A 141 -2.50 -13.33 2.67
N ALA A 142 -1.68 -14.07 1.91
CA ALA A 142 -2.11 -14.82 0.73
C ALA A 142 -0.90 -15.56 0.18
N PHE A 143 -1.15 -16.62 -0.57
CA PHE A 143 -0.08 -17.34 -1.29
C PHE A 143 -0.66 -18.14 -2.45
N GLY A 144 0.19 -18.53 -3.38
CA GLY A 144 -0.22 -19.32 -4.53
C GLY A 144 -0.84 -18.48 -5.62
N PRO A 145 -1.16 -19.13 -6.76
CA PRO A 145 -1.79 -18.51 -7.92
C PRO A 145 -3.18 -17.97 -7.62
N SER A 146 -3.55 -16.90 -8.32
CA SER A 146 -4.91 -16.38 -8.28
C SER A 146 -5.35 -16.06 -6.85
N SER A 147 -4.48 -15.40 -6.10
CA SER A 147 -4.72 -15.09 -4.68
C SER A 147 -4.73 -13.59 -4.40
N ILE A 148 -4.37 -12.77 -5.40
CA ILE A 148 -4.16 -11.33 -5.21
C ILE A 148 -5.16 -10.50 -6.00
N ASP A 149 -5.70 -9.46 -5.37
CA ASP A 149 -6.65 -8.55 -6.01
C ASP A 149 -6.00 -7.44 -6.84
N LEU A 150 -4.91 -6.88 -6.35
CA LEU A 150 -4.34 -5.68 -6.96
C LEU A 150 -2.83 -5.65 -6.80
N PHE A 151 -2.12 -5.27 -7.87
CA PHE A 151 -0.67 -5.08 -7.85
C PHE A 151 -0.34 -3.62 -8.19
N PHE A 152 0.63 -3.06 -7.49
CA PHE A 152 1.29 -1.84 -7.93
C PHE A 152 2.70 -2.20 -8.37
N LEU A 153 3.00 -1.97 -9.65
CA LEU A 153 4.34 -2.26 -10.18
C LEU A 153 5.13 -0.96 -10.30
N ASP A 154 6.17 -0.85 -9.50
CA ASP A 154 6.99 0.37 -9.46
C ASP A 154 8.44 0.07 -9.04
N ALA A 155 9.00 -1.03 -9.57
CA ALA A 155 10.34 -1.47 -9.21
C ALA A 155 11.32 -1.21 -10.35
N ASP A 156 12.30 -2.09 -10.52
CA ASP A 156 13.32 -1.93 -11.57
C ASP A 156 12.70 -2.15 -12.96
N LYS A 157 12.72 -1.07 -13.74
CA LYS A 157 12.01 -0.96 -15.02
C LYS A 157 12.46 -1.97 -16.07
N GLU A 158 13.75 -2.29 -16.07
CA GLU A 158 14.29 -3.26 -17.02
C GLU A 158 13.68 -4.66 -16.83
N ASN A 159 13.21 -4.95 -15.62
CA ASN A 159 12.55 -6.23 -15.35
C ASN A 159 11.03 -6.26 -15.47
N TYR A 160 10.44 -5.13 -15.89
CA TYR A 160 8.98 -5.08 -16.11
C TYR A 160 8.40 -6.29 -16.90
N PRO A 161 9.06 -6.68 -18.03
CA PRO A 161 8.56 -7.83 -18.79
C PRO A 161 8.56 -9.12 -17.98
N ASN A 162 9.47 -9.21 -17.01
CA ASN A 162 9.60 -10.39 -16.17
C ASN A 162 8.60 -10.45 -15.01
N TYR A 163 8.27 -9.28 -14.46
CA TYR A 163 7.21 -9.16 -13.47
C TYR A 163 5.83 -9.50 -14.01
N TYR A 164 5.58 -9.12 -15.26
CA TYR A 164 4.27 -9.27 -15.88
C TYR A 164 3.64 -10.68 -15.78
N PRO A 165 4.32 -11.73 -16.30
CA PRO A 165 3.70 -13.06 -16.19
C PRO A 165 3.50 -13.52 -14.73
N LEU A 166 4.39 -13.10 -13.83
CA LEU A 166 4.26 -13.41 -12.41
C LEU A 166 3.03 -12.75 -11.74
N ILE A 167 2.81 -11.48 -12.06
CA ILE A 167 1.65 -10.71 -11.62
C ILE A 167 0.34 -11.38 -12.08
N LEU A 168 0.30 -11.73 -13.36
CA LEU A 168 -0.84 -12.39 -13.97
C LEU A 168 -1.17 -13.72 -13.32
N LYS A 169 -0.14 -14.48 -12.95
CA LYS A 169 -0.34 -15.74 -12.25
C LYS A 169 -0.94 -15.50 -10.86
N LEU A 170 -0.40 -14.50 -10.16
CA LEU A 170 -0.82 -14.19 -8.81
C LEU A 170 -2.19 -13.51 -8.72
N LEU A 171 -2.53 -12.74 -9.75
CA LEU A 171 -3.83 -12.05 -9.79
C LEU A 171 -5.00 -13.01 -9.95
N LYS A 172 -6.07 -12.72 -9.21
CA LYS A 172 -7.37 -13.35 -9.43
C LYS A 172 -7.91 -12.89 -10.79
N PRO A 173 -8.83 -13.68 -11.40
CA PRO A 173 -9.53 -13.14 -12.56
C PRO A 173 -10.30 -11.89 -12.14
N GLY A 174 -10.26 -10.85 -12.96
CA GLY A 174 -10.89 -9.58 -12.61
C GLY A 174 -9.99 -8.68 -11.79
N GLY A 175 -8.83 -9.20 -11.38
CA GLY A 175 -7.84 -8.44 -10.59
C GLY A 175 -7.13 -7.36 -11.40
N LEU A 176 -6.53 -6.41 -10.69
CA LEU A 176 -5.96 -5.23 -11.32
C LEU A 176 -4.46 -5.07 -11.13
N LEU A 177 -3.76 -4.79 -12.23
CA LEU A 177 -2.39 -4.35 -12.16
C LEU A 177 -2.33 -2.85 -12.44
N ILE A 178 -1.72 -2.10 -11.54
CA ILE A 178 -1.43 -0.69 -11.76
C ILE A 178 0.07 -0.56 -11.98
N ALA A 179 0.49 -0.16 -13.17
CA ALA A 179 1.90 -0.07 -13.52
C ALA A 179 2.40 1.37 -13.69
N ASP A 180 3.40 1.72 -12.91
CA ASP A 180 3.95 3.06 -12.88
C ASP A 180 5.07 3.24 -13.90
N ASN A 181 5.26 4.49 -14.34
CA ASN A 181 6.37 4.89 -15.20
C ASN A 181 6.32 4.33 -16.62
N VAL A 182 5.11 4.04 -17.11
CA VAL A 182 4.97 3.37 -18.41
C VAL A 182 5.29 4.27 -19.62
N LEU A 183 5.40 5.57 -19.38
CA LEU A 183 5.83 6.51 -20.41
C LEU A 183 7.30 6.89 -20.27
N TRP A 184 7.87 6.68 -19.08
CA TRP A 184 9.31 6.83 -18.84
C TRP A 184 9.90 8.12 -19.45
N ASP A 185 9.30 9.25 -19.07
CA ASP A 185 9.76 10.59 -19.49
C ASP A 185 9.66 10.80 -21.00
N GLY A 186 8.86 9.97 -21.66
CA GLY A 186 8.66 10.06 -23.10
C GLY A 186 9.62 9.22 -23.91
N SER A 187 10.64 8.66 -23.24
CA SER A 187 11.70 7.91 -23.93
C SER A 187 11.18 6.71 -24.73
N VAL A 188 10.11 6.08 -24.25
CA VAL A 188 9.51 4.91 -24.90
C VAL A 188 9.10 5.14 -26.35
N ALA A 189 8.72 6.38 -26.66
CA ALA A 189 8.31 6.77 -28.01
C ALA A 189 9.48 7.11 -28.94
N ASP A 190 10.68 7.20 -28.38
CA ASP A 190 11.86 7.61 -29.15
C ASP A 190 12.81 6.43 -29.26
N LEU A 191 12.87 5.82 -30.44
CA LEU A 191 13.65 4.60 -30.64
C LEU A 191 15.17 4.77 -30.56
N SER A 192 15.64 6.01 -30.53
CA SER A 192 17.05 6.27 -30.19
C SER A 192 17.37 5.86 -28.77
N HIS A 193 16.38 5.88 -27.89
CA HIS A 193 16.55 5.47 -26.52
C HIS A 193 16.44 3.95 -26.35
N GLN A 194 17.59 3.33 -26.09
CA GLN A 194 17.66 1.89 -25.93
C GLN A 194 18.32 1.49 -24.60
N GLU A 195 18.13 2.32 -23.57
CA GLU A 195 18.52 1.98 -22.20
C GLU A 195 17.79 0.72 -21.78
N PRO A 196 18.45 -0.16 -20.99
CA PRO A 196 17.82 -1.37 -20.46
C PRO A 196 16.45 -1.13 -19.79
N SER A 197 16.32 -0.03 -19.05
CA SER A 197 15.07 0.37 -18.39
C SER A 197 13.95 0.65 -19.40
N THR A 198 14.26 1.52 -20.36
CA THR A 198 13.40 1.89 -21.49
C THR A 198 12.94 0.70 -22.31
N VAL A 199 13.88 -0.18 -22.64
CA VAL A 199 13.61 -1.43 -23.36
C VAL A 199 12.62 -2.32 -22.57
N GLY A 200 12.79 -2.39 -21.26
CA GLY A 200 11.91 -3.14 -20.39
C GLY A 200 10.48 -2.61 -20.36
N ILE A 201 10.35 -1.29 -20.21
CA ILE A 201 9.04 -0.63 -20.19
C ILE A 201 8.33 -0.74 -21.54
N ARG A 202 9.07 -0.47 -22.63
CA ARG A 202 8.56 -0.67 -23.98
C ARG A 202 8.02 -2.08 -24.20
N LYS A 203 8.81 -3.07 -23.81
CA LYS A 203 8.44 -4.46 -24.00
C LYS A 203 7.23 -4.81 -23.14
N PHE A 204 7.24 -4.32 -21.90
CA PHE A 204 6.09 -4.48 -21.03
C PHE A 204 4.81 -3.95 -21.68
N ASN A 205 4.86 -2.72 -22.21
CA ASN A 205 3.73 -2.10 -22.88
C ASN A 205 3.23 -2.91 -24.08
N GLU A 206 4.16 -3.43 -24.89
CA GLU A 206 3.83 -4.28 -26.03
CA GLU A 206 3.79 -4.27 -26.04
C GLU A 206 3.13 -5.57 -25.59
N LEU A 207 3.69 -6.22 -24.56
CA LEU A 207 3.13 -7.45 -23.99
C LEU A 207 1.69 -7.24 -23.54
N VAL A 208 1.47 -6.18 -22.77
CA VAL A 208 0.14 -5.84 -22.25
C VAL A 208 -0.84 -5.59 -23.40
N TYR A 209 -0.43 -4.79 -24.38
CA TYR A 209 -1.27 -4.44 -25.51
C TYR A 209 -1.70 -5.65 -26.34
N ASN A 210 -0.79 -6.60 -26.53
CA ASN A 210 -1.06 -7.79 -27.34
C ASN A 210 -1.65 -8.97 -26.58
N ASP A 211 -1.88 -8.79 -25.28
CA ASP A 211 -2.38 -9.87 -24.44
C ASP A 211 -3.90 -9.86 -24.33
N SER A 212 -4.54 -10.81 -25.01
CA SER A 212 -5.99 -10.92 -24.99
C SER A 212 -6.55 -11.40 -23.64
N LEU A 213 -5.66 -11.70 -22.70
CA LEU A 213 -6.10 -12.08 -21.36
C LEU A 213 -6.31 -10.88 -20.44
N VAL A 214 -5.97 -9.69 -20.94
CA VAL A 214 -6.11 -8.45 -20.19
C VAL A 214 -6.77 -7.37 -21.03
N ASP A 215 -7.29 -6.34 -20.36
CA ASP A 215 -7.56 -5.06 -20.96
C ASP A 215 -6.61 -4.02 -20.33
N VAL A 216 -6.29 -2.97 -21.09
CA VAL A 216 -5.37 -1.91 -20.67
C VAL A 216 -5.95 -0.52 -20.91
N SER A 217 -5.68 0.38 -19.96
CA SER A 217 -5.86 1.81 -20.14
C SER A 217 -4.58 2.48 -19.69
N LEU A 218 -3.94 3.22 -20.59
CA LEU A 218 -2.69 3.90 -20.28
C LEU A 218 -3.01 5.37 -20.04
N VAL A 219 -2.96 5.75 -18.77
CA VAL A 219 -3.39 7.07 -18.30
C VAL A 219 -2.19 8.02 -18.22
N PRO A 220 -2.27 9.17 -18.91
CA PRO A 220 -1.17 10.16 -18.84
C PRO A 220 -1.12 10.97 -17.55
N ILE A 221 -1.21 10.32 -16.40
CA ILE A 221 -0.98 10.97 -15.13
C ILE A 221 0.44 10.62 -14.68
N ALA A 222 1.10 11.56 -14.00
CA ALA A 222 2.46 11.38 -13.52
C ALA A 222 3.41 11.04 -14.68
N ASP A 223 4.10 9.91 -14.61
CA ASP A 223 5.01 9.48 -15.69
C ASP A 223 4.38 8.36 -16.53
N GLY A 224 3.04 8.37 -16.59
CA GLY A 224 2.28 7.31 -17.25
C GLY A 224 1.93 6.26 -16.22
N VAL A 225 0.64 5.93 -16.16
CA VAL A 225 0.14 4.86 -15.29
C VAL A 225 -0.75 3.96 -16.14
N SER A 226 -0.40 2.69 -16.23
CA SER A 226 -1.26 1.73 -16.91
C SER A 226 -2.15 0.99 -15.93
N LEU A 227 -3.44 0.99 -16.24
CA LEU A 227 -4.40 0.12 -15.56
C LEU A 227 -4.56 -1.13 -16.41
N VAL A 228 -4.16 -2.28 -15.86
CA VAL A 228 -4.19 -3.54 -16.60
C VAL A 228 -5.04 -4.52 -15.81
N ARG A 229 -6.19 -4.90 -16.37
CA ARG A 229 -7.15 -5.73 -15.66
C ARG A 229 -7.17 -7.13 -16.25
N LYS A 230 -6.93 -8.11 -15.39
CA LYS A 230 -6.95 -9.51 -15.79
C LYS A 230 -8.41 -9.92 -16.04
N ARG A 231 -8.72 -10.32 -17.27
CA ARG A 231 -10.08 -10.63 -17.67
C ARG A 231 -10.63 -11.88 -16.99
N LEU A 232 -11.95 -11.91 -16.81
CA LEU A 232 -12.64 -13.07 -16.27
C LEU A 232 -12.55 -14.22 -17.27
N GLU A 233 -12.56 -15.45 -16.75
CA GLU A 233 -12.33 -16.61 -17.61
C GLU A 233 -13.62 -17.29 -18.07
N HIS A 234 -14.28 -16.66 -19.04
CA HIS A 234 -15.30 -17.31 -19.86
C HIS A 234 -14.88 -17.26 -21.33
N SER B 2 29.46 -27.05 51.04
CA SER B 2 28.22 -27.66 50.46
C SER B 2 27.61 -26.80 49.34
N ARG B 3 26.76 -27.43 48.52
CA ARG B 3 26.09 -26.77 47.39
C ARG B 3 25.29 -25.53 47.80
N LYS B 4 25.42 -24.46 47.01
CA LYS B 4 24.70 -23.21 47.28
C LYS B 4 23.30 -23.17 46.67
N ASN B 5 23.12 -23.88 45.55
CA ASN B 5 21.80 -23.99 44.93
C ASN B 5 21.30 -25.42 44.97
N ILE B 6 20.00 -25.58 44.78
CA ILE B 6 19.40 -26.88 44.64
C ILE B 6 20.00 -27.61 43.44
N SER B 7 20.05 -28.94 43.51
CA SER B 7 20.44 -29.79 42.37
C SER B 7 19.18 -30.12 41.60
N LEU B 8 19.11 -29.65 40.36
CA LEU B 8 17.92 -29.86 39.56
C LEU B 8 17.96 -31.22 38.86
N THR B 9 16.82 -31.90 38.91
CA THR B 9 16.60 -33.12 38.16
C THR B 9 15.52 -32.80 37.13
N GLU B 10 15.47 -33.62 36.08
CA GLU B 10 14.42 -33.52 35.07
C GLU B 10 13.04 -33.52 35.73
N SER B 11 12.87 -34.35 36.75
CA SER B 11 11.59 -34.44 37.48
C SER B 11 11.29 -33.18 38.30
N LEU B 12 12.36 -32.52 38.75
CA LEU B 12 12.24 -31.27 39.50
C LEU B 12 11.93 -30.12 38.54
N GLU B 13 12.59 -30.12 37.39
CA GLU B 13 12.27 -29.18 36.30
C GLU B 13 10.84 -29.32 35.78
N GLU B 14 10.30 -30.53 35.78
CA GLU B 14 8.93 -30.76 35.31
C GLU B 14 7.94 -30.30 36.37
N TYR B 15 8.32 -30.47 37.64
CA TYR B 15 7.58 -29.87 38.75
C TYR B 15 7.51 -28.36 38.57
N ILE B 16 8.67 -27.74 38.36
CA ILE B 16 8.78 -26.30 38.11
C ILE B 16 7.88 -25.88 36.95
N PHE B 17 7.97 -26.62 35.83
CA PHE B 17 7.11 -26.34 34.67
C PHE B 17 5.64 -26.39 35.04
N ARG B 18 5.23 -27.46 35.74
CA ARG B 18 3.82 -27.67 36.09
C ARG B 18 3.31 -26.70 37.15
N ASN B 19 4.22 -26.04 37.86
CA ASN B 19 3.87 -25.07 38.90
C ASN B 19 4.25 -23.62 38.60
N SER B 20 4.56 -23.31 37.34
CA SER B 20 4.85 -21.92 36.97
C SER B 20 4.37 -21.51 35.56
N VAL B 21 4.52 -22.40 34.58
CA VAL B 21 4.28 -22.03 33.18
C VAL B 21 2.80 -21.98 32.78
N ARG B 22 2.38 -20.81 32.28
CA ARG B 22 1.08 -20.61 31.68
C ARG B 22 1.31 -20.04 30.27
N GLU B 23 1.82 -20.88 29.36
CA GLU B 23 2.27 -20.41 28.05
C GLU B 23 1.12 -20.22 27.08
N PRO B 24 0.98 -19.00 26.52
CA PRO B 24 0.02 -18.79 25.43
C PRO B 24 0.25 -19.75 24.27
N ASP B 25 -0.83 -20.14 23.60
CA ASP B 25 -0.79 -21.05 22.45
C ASP B 25 0.14 -20.53 21.35
N SER B 26 0.01 -19.24 21.05
CA SER B 26 0.87 -18.58 20.07
C SER B 26 2.37 -18.74 20.39
N PHE B 27 2.70 -18.62 21.68
CA PHE B 27 4.09 -18.74 22.15
C PHE B 27 4.62 -20.18 22.04
N LEU B 28 3.79 -21.15 22.40
CA LEU B 28 4.08 -22.57 22.22
C LEU B 28 4.28 -22.90 20.74
N LYS B 29 3.34 -22.42 19.92
CA LYS B 29 3.35 -22.59 18.48
C LYS B 29 4.65 -22.10 17.85
N LEU B 30 5.15 -20.95 18.32
CA LEU B 30 6.47 -20.46 17.91
C LEU B 30 7.58 -21.42 18.31
N ARG B 31 7.52 -21.96 19.52
CA ARG B 31 8.56 -22.87 19.98
C ARG B 31 8.59 -24.11 19.09
N LYS B 32 7.41 -24.65 18.80
CA LYS B 32 7.28 -25.78 17.88
C LYS B 32 7.88 -25.44 16.52
N GLU B 33 7.49 -24.30 15.96
CA GLU B 33 7.99 -23.85 14.67
C GLU B 33 9.52 -23.71 14.65
N THR B 34 10.05 -23.13 15.73
CA THR B 34 11.50 -22.93 15.89
C THR B 34 12.27 -24.24 16.05
N GLY B 35 11.59 -25.25 16.61
CA GLY B 35 12.17 -26.58 16.82
C GLY B 35 12.61 -27.23 15.53
N THR B 36 11.85 -26.99 14.46
CA THR B 36 12.13 -27.54 13.13
C THR B 36 13.37 -26.95 12.47
N LEU B 37 13.74 -25.72 12.83
CA LEU B 37 14.95 -25.10 12.29
C LEU B 37 16.19 -25.72 12.93
N ALA B 38 17.31 -25.70 12.21
CA ALA B 38 18.54 -26.40 12.62
C ALA B 38 19.17 -25.91 13.93
N GLN B 39 18.59 -24.87 14.52
CA GLN B 39 19.13 -24.26 15.72
C GLN B 39 18.03 -24.01 16.73
N ASN B 41 18.63 -24.95 19.82
CA ASN B 41 18.74 -24.45 21.20
C ASN B 41 19.20 -22.98 21.33
N MET B 42 19.10 -22.24 20.24
CA MET B 42 19.41 -20.80 20.25
C MET B 42 18.34 -20.02 20.98
N GLN B 43 17.17 -20.62 21.15
CA GLN B 43 16.06 -19.93 21.83
C GLN B 43 15.83 -20.37 23.27
N ILE B 44 15.13 -19.50 24.00
CA ILE B 44 14.94 -19.66 25.44
C ILE B 44 13.80 -20.63 25.77
N SER B 45 13.80 -21.11 27.02
CA SER B 45 12.70 -21.94 27.53
C SER B 45 11.52 -21.04 27.91
N PRO B 46 10.32 -21.64 28.05
CA PRO B 46 9.12 -20.93 28.52
C PRO B 46 9.27 -20.32 29.92
N GLU B 47 10.04 -20.99 30.78
CA GLU B 47 10.36 -20.48 32.12
C GLU B 47 11.14 -19.16 32.04
N GLU B 48 12.28 -19.18 31.35
CA GLU B 48 13.07 -17.96 31.18
C GLU B 48 12.19 -16.84 30.64
N GLY B 49 11.31 -17.17 29.69
CA GLY B 49 10.41 -16.19 29.11
C GLY B 49 9.46 -15.54 30.11
N GLN B 50 8.97 -16.33 31.07
CA GLN B 50 8.13 -15.82 32.16
C GLN B 50 8.95 -15.00 33.15
N PHE B 51 10.21 -15.37 33.30
CA PHE B 51 11.21 -14.61 34.06
C PHE B 51 11.42 -13.22 33.45
N LEU B 52 11.62 -13.16 32.14
CA LEU B 52 11.82 -11.87 31.44
C LEU B 52 10.55 -11.05 31.45
N ASN B 53 9.42 -11.73 31.32
CA ASN B 53 8.12 -11.07 31.37
C ASN B 53 7.92 -10.35 32.70
N ILE B 54 8.11 -11.08 33.79
CA ILE B 54 7.93 -10.56 35.15
C ILE B 54 8.90 -9.41 35.47
N LEU B 55 10.18 -9.58 35.11
CA LEU B 55 11.20 -8.55 35.29
C LEU B 55 10.88 -7.27 34.53
N THR B 56 10.26 -7.40 33.35
CA THR B 56 9.86 -6.23 32.55
C THR B 56 8.79 -5.42 33.30
N LYS B 57 7.82 -6.12 33.87
CA LYS B 57 6.76 -5.48 34.63
C LYS B 57 7.27 -4.83 35.92
N ILE B 58 7.99 -5.62 36.72
CA ILE B 58 8.62 -5.15 37.97
C ILE B 58 9.43 -3.86 37.73
N SER B 59 10.24 -3.86 36.67
CA SER B 59 11.15 -2.76 36.37
C SER B 59 10.46 -1.48 35.91
N GLY B 60 9.22 -1.60 35.44
CA GLY B 60 8.49 -0.47 34.85
C GLY B 60 9.06 0.02 33.52
N ALA B 61 9.94 -0.77 32.90
CA ALA B 61 10.58 -0.38 31.63
C ALA B 61 9.53 0.02 30.59
N LYS B 62 9.87 1.04 29.80
CA LYS B 62 9.02 1.49 28.71
C LYS B 62 9.79 1.53 27.39
N ARG B 63 11.13 1.50 27.49
CA ARG B 63 11.99 1.44 26.31
C ARG B 63 13.00 0.31 26.47
N ILE B 64 12.85 -0.72 25.63
CA ILE B 64 13.68 -1.91 25.69
C ILE B 64 14.45 -2.07 24.38
N ILE B 65 15.74 -2.41 24.46
CA ILE B 65 16.48 -2.84 23.28
C ILE B 65 16.89 -4.30 23.46
N GLU B 66 16.48 -5.14 22.52
CA GLU B 66 16.92 -6.53 22.50
C GLU B 66 18.04 -6.67 21.45
N ILE B 67 19.16 -7.24 21.87
CA ILE B 67 20.30 -7.49 20.98
C ILE B 67 20.37 -9.00 20.73
N GLY B 68 19.84 -9.42 19.58
CA GLY B 68 19.74 -10.83 19.23
C GLY B 68 18.30 -11.23 19.42
N THR B 69 17.58 -11.36 18.29
CA THR B 69 16.14 -11.58 18.29
C THR B 69 15.77 -12.98 17.81
N PHE B 70 16.50 -13.48 16.82
CA PHE B 70 16.28 -14.82 16.26
C PHE B 70 14.83 -14.92 15.78
N THR B 71 14.12 -16.00 16.11
CA THR B 71 12.73 -16.16 15.67
C THR B 71 11.71 -15.48 16.58
N GLY B 72 12.20 -14.75 17.57
CA GLY B 72 11.38 -13.78 18.31
C GLY B 72 10.73 -14.14 19.64
N TYR B 73 11.07 -15.30 20.21
CA TYR B 73 10.41 -15.73 21.46
C TYR B 73 10.53 -14.75 22.61
N SER B 74 11.75 -14.32 22.94
CA SER B 74 11.97 -13.33 23.99
C SER B 74 11.36 -11.98 23.64
N SER B 75 11.46 -11.57 22.38
CA SER B 75 10.87 -10.30 21.92
C SER B 75 9.36 -10.28 22.17
N LEU B 76 8.74 -11.45 22.02
CA LEU B 76 7.32 -11.65 22.34
C LEU B 76 7.04 -11.52 23.83
N CYS B 77 8.00 -11.95 24.65
CA CYS B 77 7.84 -11.91 26.10
C CYS B 77 7.95 -10.48 26.58
N PHE B 78 8.89 -9.74 25.98
CA PHE B 78 9.03 -8.32 26.25
C PHE B 78 7.86 -7.48 25.76
N ALA B 79 7.46 -7.64 24.50
CA ALA B 79 6.41 -6.80 23.90
C ALA B 79 5.06 -6.92 24.58
N SER B 80 4.73 -8.13 25.02
CA SER B 80 3.43 -8.35 25.65
C SER B 80 3.46 -8.03 27.14
N ALA B 81 4.65 -7.89 27.72
CA ALA B 81 4.79 -7.48 29.13
C ALA B 81 4.81 -5.96 29.24
N LEU B 82 5.27 -5.29 28.19
CA LEU B 82 5.29 -3.84 28.13
C LEU B 82 3.92 -3.21 28.31
N PRO B 83 3.84 -2.02 28.94
CA PRO B 83 2.56 -1.31 28.97
C PRO B 83 2.19 -0.81 27.57
N GLU B 84 0.98 -0.28 27.40
CA GLU B 84 0.54 0.12 26.06
C GLU B 84 1.42 1.21 25.43
N ASP B 85 2.03 2.05 26.26
CA ASP B 85 2.93 3.10 25.77
C ASP B 85 4.38 2.65 25.79
N GLY B 86 4.62 1.36 26.03
CA GLY B 86 5.98 0.80 26.06
C GLY B 86 6.44 0.25 24.72
N LYS B 87 7.74 0.37 24.43
CA LYS B 87 8.27 0.01 23.12
C LYS B 87 9.59 -0.75 23.20
N ILE B 88 9.79 -1.66 22.25
CA ILE B 88 11.02 -2.45 22.17
C ILE B 88 11.65 -2.36 20.77
N LEU B 89 12.96 -2.14 20.73
CA LEU B 89 13.73 -2.22 19.48
C LEU B 89 14.52 -3.53 19.42
N CYS B 90 14.23 -4.35 18.41
CA CYS B 90 14.96 -5.59 18.17
C CYS B 90 16.12 -5.41 17.19
N CYS B 91 17.27 -5.98 17.54
CA CYS B 91 18.50 -5.85 16.75
C CYS B 91 18.96 -7.24 16.30
N ASP B 92 18.90 -7.50 15.00
CA ASP B 92 19.31 -8.80 14.50
C ASP B 92 20.00 -8.70 13.15
N VAL B 93 20.80 -9.71 12.82
CA VAL B 93 21.53 -9.76 11.56
C VAL B 93 20.71 -10.42 10.45
N SER B 94 19.69 -11.17 10.84
CA SER B 94 19.01 -12.09 9.95
C SER B 94 17.59 -11.67 9.61
N GLU B 95 17.33 -11.43 8.33
CA GLU B 95 16.00 -11.13 7.83
C GLU B 95 15.14 -12.38 7.89
N GLU B 96 15.76 -13.51 7.58
CA GLU B 96 15.07 -14.79 7.55
C GLU B 96 14.43 -15.14 8.89
N TRP B 97 15.21 -15.00 9.96
CA TRP B 97 14.76 -15.34 11.31
C TRP B 97 13.77 -14.33 11.86
N THR B 98 14.02 -13.04 11.66
CA THR B 98 13.08 -12.01 12.11
C THR B 98 11.79 -11.94 11.28
N ASN B 99 11.78 -12.61 10.12
CA ASN B 99 10.54 -12.82 9.37
C ASN B 99 9.60 -13.72 10.14
N VAL B 100 10.14 -14.76 10.76
CA VAL B 100 9.37 -15.65 11.65
C VAL B 100 8.89 -14.87 12.87
N ALA B 101 9.79 -14.07 13.46
CA ALA B 101 9.45 -13.19 14.58
C ALA B 101 8.27 -12.29 14.29
N ARG B 102 8.32 -11.57 13.16
CA ARG B 102 7.24 -10.64 12.81
C ARG B 102 5.93 -11.36 12.56
N LYS B 103 5.98 -12.55 11.99
CA LYS B 103 4.78 -13.38 11.86
C LYS B 103 4.04 -13.45 13.21
N TYR B 104 4.76 -13.79 14.27
CA TYR B 104 4.18 -13.89 15.61
C TYR B 104 3.88 -12.53 16.25
N TRP B 105 4.71 -11.52 15.99
CA TRP B 105 4.39 -10.14 16.42
C TRP B 105 3.03 -9.69 15.89
N LYS B 106 2.79 -9.98 14.60
CA LYS B 106 1.57 -9.63 13.89
C LYS B 106 0.38 -10.44 14.38
N GLU B 107 0.62 -11.74 14.56
CA GLU B 107 -0.38 -12.68 15.06
C GLU B 107 -0.91 -12.25 16.43
N ASN B 108 -0.03 -11.64 17.20
CA ASN B 108 -0.36 -11.18 18.55
C ASN B 108 -0.76 -9.70 18.61
N GLY B 109 -0.69 -9.02 17.47
CA GLY B 109 -1.08 -7.62 17.34
C GLY B 109 -0.14 -6.65 18.05
N LEU B 110 1.14 -6.99 18.09
CA LEU B 110 2.13 -6.24 18.88
C LEU B 110 3.06 -5.35 18.08
N GLU B 111 2.93 -5.37 16.75
CA GLU B 111 3.87 -4.66 15.87
C GLU B 111 4.02 -3.18 16.20
N ASN B 112 2.91 -2.54 16.57
CA ASN B 112 2.92 -1.13 16.89
C ASN B 112 3.95 -0.78 17.96
N LYS B 113 4.14 -1.72 18.90
CA LYS B 113 5.10 -1.55 19.99
C LYS B 113 6.54 -1.90 19.59
N ILE B 114 6.71 -2.56 18.44
CA ILE B 114 8.01 -3.13 18.10
C ILE B 114 8.71 -2.38 16.96
N PHE B 115 10.01 -2.13 17.16
CA PHE B 115 10.89 -1.54 16.17
C PHE B 115 11.95 -2.59 15.82
N LEU B 116 12.54 -2.45 14.63
CA LEU B 116 13.50 -3.42 14.14
C LEU B 116 14.58 -2.72 13.33
N LYS B 117 15.83 -3.07 13.60
CA LYS B 117 16.95 -2.68 12.77
C LYS B 117 17.77 -3.92 12.48
N LEU B 118 17.96 -4.20 11.19
CA LEU B 118 18.76 -5.33 10.74
C LEU B 118 20.22 -4.93 10.52
N GLY B 119 21.13 -5.86 10.81
CA GLY B 119 22.55 -5.63 10.58
C GLY B 119 23.38 -5.85 11.83
N SER B 120 24.63 -5.42 11.78
CA SER B 120 25.52 -5.51 12.93
C SER B 120 25.00 -4.66 14.09
N ALA B 121 24.72 -5.30 15.21
CA ALA B 121 24.17 -4.62 16.38
C ALA B 121 25.14 -3.62 16.99
N LEU B 122 26.44 -3.83 16.77
CA LEU B 122 27.48 -2.90 17.24
C LEU B 122 27.35 -1.57 16.51
N GLU B 123 27.14 -1.64 15.20
CA GLU B 123 26.87 -0.43 14.41
C GLU B 123 25.58 0.21 14.87
N THR B 124 24.52 -0.61 14.97
CA THR B 124 23.19 -0.13 15.40
C THR B 124 23.22 0.71 16.68
N LEU B 125 23.86 0.18 17.73
CA LEU B 125 23.92 0.88 19.02
C LEU B 125 24.85 2.10 18.97
N GLN B 126 25.95 2.00 18.22
CA GLN B 126 26.83 3.16 18.03
C GLN B 126 26.12 4.32 17.35
N VAL B 127 25.31 4.00 16.33
CA VAL B 127 24.50 5.00 15.62
C VAL B 127 23.52 5.69 16.57
N LEU B 128 22.86 4.89 17.40
CA LEU B 128 21.87 5.39 18.36
C LEU B 128 22.50 6.32 19.41
N ILE B 129 23.71 5.98 19.85
CA ILE B 129 24.46 6.84 20.77
C ILE B 129 24.80 8.18 20.10
N ASP B 130 25.30 8.14 18.87
CA ASP B 130 25.78 9.34 18.17
C ASP B 130 24.69 10.20 17.55
N SER B 131 23.49 9.64 17.39
CA SER B 131 22.37 10.32 16.74
C SER B 131 22.01 11.64 17.41
N LYS B 132 22.08 12.72 16.64
CA LYS B 132 21.60 14.04 17.11
C LYS B 132 20.10 14.15 16.93
N SER B 133 19.57 13.36 16.00
CA SER B 133 18.15 13.20 15.81
C SER B 133 17.86 11.75 15.46
N ALA B 134 16.64 11.31 15.75
CA ALA B 134 16.24 9.92 15.63
C ALA B 134 16.42 9.38 14.21
N PRO B 135 17.13 8.24 14.06
CA PRO B 135 17.12 7.57 12.75
C PRO B 135 15.71 7.07 12.46
N SER B 136 15.38 6.91 11.18
CA SER B 136 14.04 6.49 10.77
C SER B 136 13.50 5.33 11.62
N TRP B 137 14.37 4.35 11.89
CA TRP B 137 14.00 3.11 12.57
C TRP B 137 13.95 3.20 14.10
N ALA B 138 14.28 4.37 14.64
CA ALA B 138 14.16 4.61 16.08
C ALA B 138 13.34 5.86 16.37
N SER B 139 12.75 6.43 15.32
CA SER B 139 11.87 7.57 15.47
C SER B 139 10.67 7.12 16.29
N ASP B 140 10.34 7.90 17.32
CA ASP B 140 9.25 7.60 18.27
C ASP B 140 9.61 6.45 19.22
N PHE B 141 10.89 6.11 19.27
CA PHE B 141 11.39 5.14 20.21
C PHE B 141 12.29 5.91 21.16
N ALA B 142 13.57 6.02 20.82
CA ALA B 142 14.57 6.68 21.63
C ALA B 142 15.87 6.77 20.85
N PHE B 143 16.77 7.64 21.30
CA PHE B 143 18.11 7.78 20.73
C PHE B 143 18.99 8.58 21.69
N GLY B 144 20.30 8.57 21.45
CA GLY B 144 21.24 9.25 22.34
C GLY B 144 21.50 8.45 23.62
N PRO B 145 22.52 8.87 24.39
CA PRO B 145 22.88 8.21 25.64
C PRO B 145 21.81 8.41 26.71
N SER B 146 21.75 7.48 27.67
CA SER B 146 20.78 7.52 28.78
C SER B 146 19.34 7.62 28.32
N SER B 147 18.95 6.73 27.40
CA SER B 147 17.61 6.77 26.82
C SER B 147 16.82 5.46 27.00
N ILE B 148 17.51 4.41 27.42
CA ILE B 148 16.94 3.06 27.45
C ILE B 148 16.71 2.60 28.89
N ASP B 149 15.59 1.92 29.13
CA ASP B 149 15.26 1.38 30.45
C ASP B 149 15.85 -0.01 30.66
N LEU B 150 15.77 -0.88 29.64
CA LEU B 150 16.38 -2.21 29.76
C LEU B 150 16.88 -2.85 28.46
N PHE B 151 17.98 -3.60 28.60
CA PHE B 151 18.51 -4.39 27.50
C PHE B 151 18.29 -5.88 27.74
N PHE B 152 18.15 -6.62 26.64
CA PHE B 152 18.35 -8.04 26.66
C PHE B 152 19.50 -8.37 25.70
N LEU B 153 20.62 -8.85 26.24
CA LEU B 153 21.77 -9.26 25.46
C LEU B 153 21.76 -10.76 25.22
N ASP B 154 21.64 -11.15 23.94
CA ASP B 154 21.56 -12.56 23.54
C ASP B 154 22.04 -12.74 22.10
N ALA B 155 23.11 -12.03 21.74
CA ALA B 155 23.63 -12.01 20.38
C ALA B 155 24.87 -12.89 20.24
N ASP B 156 25.82 -12.43 19.44
CA ASP B 156 27.07 -13.14 19.22
C ASP B 156 28.00 -12.99 20.41
N LYS B 157 28.32 -14.12 21.03
CA LYS B 157 28.95 -14.17 22.35
C LYS B 157 30.30 -13.46 22.42
N GLU B 158 31.09 -13.55 21.34
CA GLU B 158 32.46 -13.05 21.36
C GLU B 158 32.52 -11.53 21.41
N ASN B 159 31.39 -10.88 21.16
CA ASN B 159 31.33 -9.42 21.21
C ASN B 159 30.66 -8.89 22.48
N TYR B 160 30.21 -9.79 23.35
CA TYR B 160 29.62 -9.37 24.63
C TYR B 160 30.41 -8.24 25.30
N PRO B 161 31.76 -8.36 25.38
CA PRO B 161 32.53 -7.28 26.01
C PRO B 161 32.53 -5.96 25.24
N ASN B 162 32.24 -6.02 23.95
CA ASN B 162 32.15 -4.81 23.13
C ASN B 162 30.76 -4.17 23.18
N TYR B 163 29.73 -4.99 23.37
CA TYR B 163 28.38 -4.46 23.63
C TYR B 163 28.30 -3.72 24.96
N TYR B 164 28.95 -4.28 25.99
CA TYR B 164 28.84 -3.78 27.36
C TYR B 164 28.98 -2.25 27.48
N PRO B 165 30.12 -1.69 27.05
CA PRO B 165 30.22 -0.23 27.16
C PRO B 165 29.08 0.52 26.46
N LEU B 166 28.64 0.01 25.31
CA LEU B 166 27.58 0.66 24.53
C LEU B 166 26.24 0.59 25.25
N ILE B 167 25.92 -0.61 25.73
CA ILE B 167 24.76 -0.84 26.61
C ILE B 167 24.71 0.15 27.78
N LEU B 168 25.85 0.33 28.49
CA LEU B 168 25.91 1.24 29.65
C LEU B 168 25.73 2.71 29.27
N LYS B 169 26.30 3.11 28.13
CA LYS B 169 26.05 4.43 27.54
C LYS B 169 24.56 4.68 27.32
N LEU B 170 23.86 3.69 26.77
CA LEU B 170 22.46 3.87 26.38
C LEU B 170 21.48 3.75 27.55
N LEU B 171 21.80 2.87 28.49
CA LEU B 171 21.00 2.72 29.69
C LEU B 171 20.90 4.00 30.48
N LYS B 172 19.70 4.25 31.00
CA LYS B 172 19.50 5.27 32.01
C LYS B 172 20.10 4.77 33.33
N PRO B 173 20.53 5.71 34.19
CA PRO B 173 20.83 5.34 35.58
C PRO B 173 19.61 4.67 36.20
N GLY B 174 19.81 3.50 36.81
CA GLY B 174 18.71 2.70 37.35
C GLY B 174 18.27 1.63 36.37
N GLY B 175 18.74 1.74 35.13
CA GLY B 175 18.37 0.84 34.04
C GLY B 175 18.97 -0.53 34.21
N LEU B 176 18.41 -1.52 33.54
CA LEU B 176 18.75 -2.93 33.73
C LEU B 176 19.21 -3.66 32.47
N LEU B 177 20.42 -4.22 32.51
CA LEU B 177 20.86 -5.14 31.46
C LEU B 177 20.58 -6.57 31.90
N ILE B 178 19.89 -7.32 31.06
CA ILE B 178 19.71 -8.75 31.27
C ILE B 178 20.55 -9.44 30.21
N ALA B 179 21.56 -10.20 30.62
CA ALA B 179 22.48 -10.83 29.68
C ALA B 179 22.31 -12.34 29.71
N ASP B 180 21.97 -12.92 28.57
CA ASP B 180 21.73 -14.35 28.43
C ASP B 180 23.03 -15.13 28.22
N ASN B 181 23.01 -16.44 28.50
CA ASN B 181 24.15 -17.35 28.27
C ASN B 181 25.44 -16.99 29.00
N VAL B 182 25.33 -16.55 30.25
CA VAL B 182 26.52 -16.08 30.97
C VAL B 182 27.32 -17.23 31.57
N LEU B 183 26.72 -18.41 31.62
CA LEU B 183 27.42 -19.62 32.07
C LEU B 183 27.88 -20.52 30.90
N TRP B 184 27.27 -20.31 29.72
CA TRP B 184 27.72 -20.92 28.44
C TRP B 184 28.05 -22.39 28.60
N ASP B 185 27.03 -23.14 29.02
CA ASP B 185 27.13 -24.59 29.25
C ASP B 185 28.24 -25.01 30.23
N GLY B 186 28.60 -24.12 31.14
CA GLY B 186 29.64 -24.41 32.14
C GLY B 186 31.04 -24.06 31.67
N SER B 187 31.22 -23.97 30.35
CA SER B 187 32.55 -23.84 29.74
C SER B 187 33.38 -22.68 30.26
N VAL B 188 32.74 -21.69 30.86
CA VAL B 188 33.42 -20.51 31.41
C VAL B 188 34.30 -20.89 32.61
N ALA B 189 33.83 -21.87 33.39
CA ALA B 189 34.56 -22.33 34.57
C ALA B 189 35.79 -23.18 34.18
N ASP B 190 35.66 -23.91 33.08
CA ASP B 190 36.69 -24.80 32.58
C ASP B 190 37.65 -24.07 31.63
N LEU B 191 38.83 -23.73 32.13
CA LEU B 191 39.79 -22.92 31.37
C LEU B 191 40.49 -23.64 30.19
N SER B 192 40.16 -24.92 29.98
CA SER B 192 40.64 -25.67 28.82
C SER B 192 39.86 -25.29 27.57
N HIS B 193 38.79 -24.51 27.77
CA HIS B 193 37.96 -23.97 26.71
C HIS B 193 38.41 -22.55 26.36
N GLN B 194 38.94 -22.36 25.16
CA GLN B 194 39.39 -21.03 24.73
C GLN B 194 38.76 -20.60 23.40
N GLU B 195 37.53 -21.05 23.15
CA GLU B 195 36.79 -20.62 21.97
C GLU B 195 36.50 -19.11 22.09
N PRO B 196 36.57 -18.36 20.97
CA PRO B 196 36.30 -16.91 21.04
C PRO B 196 34.96 -16.57 21.70
N SER B 197 34.03 -17.53 21.73
CA SER B 197 32.73 -17.32 22.37
C SER B 197 32.93 -17.37 23.87
N THR B 198 33.32 -18.53 24.39
CA THR B 198 33.65 -18.68 25.81
C THR B 198 34.55 -17.54 26.32
N VAL B 199 35.53 -17.13 25.51
CA VAL B 199 36.44 -16.04 25.90
C VAL B 199 35.72 -14.70 26.04
N GLY B 200 34.84 -14.39 25.09
CA GLY B 200 34.08 -13.14 25.14
C GLY B 200 33.18 -13.09 26.36
N ILE B 201 32.55 -14.21 26.66
CA ILE B 201 31.62 -14.31 27.78
C ILE B 201 32.31 -14.18 29.14
N ARG B 202 33.42 -14.91 29.32
CA ARG B 202 34.29 -14.74 30.48
C ARG B 202 34.70 -13.27 30.65
N LYS B 203 35.20 -12.66 29.57
CA LYS B 203 35.66 -11.28 29.59
C LYS B 203 34.55 -10.31 30.00
N PHE B 204 33.34 -10.56 29.48
CA PHE B 204 32.15 -9.79 29.83
C PHE B 204 31.86 -9.89 31.34
N ASN B 205 31.74 -11.12 31.85
CA ASN B 205 31.47 -11.41 33.26
C ASN B 205 32.46 -10.77 34.22
N GLU B 206 33.66 -10.53 33.71
CA GLU B 206 34.77 -9.94 34.45
C GLU B 206 34.63 -8.43 34.48
N LEU B 207 34.28 -7.85 33.33
CA LEU B 207 34.05 -6.40 33.21
C LEU B 207 32.91 -5.94 34.12
N VAL B 208 31.84 -6.72 34.13
CA VAL B 208 30.67 -6.43 34.97
C VAL B 208 31.05 -6.53 36.45
N TYR B 209 31.77 -7.60 36.81
CA TYR B 209 32.15 -7.83 38.20
C TYR B 209 33.03 -6.71 38.73
N ASN B 210 33.97 -6.25 37.91
CA ASN B 210 34.88 -5.17 38.32
C ASN B 210 34.36 -3.77 38.07
N ASP B 211 33.17 -3.66 37.48
CA ASP B 211 32.56 -2.35 37.24
C ASP B 211 31.78 -1.88 38.47
N SER B 212 32.25 -0.78 39.05
CA SER B 212 31.65 -0.23 40.27
C SER B 212 30.46 0.65 39.94
N LEU B 213 30.27 0.88 38.64
CA LEU B 213 29.12 1.63 38.14
C LEU B 213 27.86 0.75 38.11
N VAL B 214 28.03 -0.56 38.25
CA VAL B 214 26.91 -1.51 38.24
C VAL B 214 26.81 -2.43 39.48
N ASP B 215 25.62 -3.02 39.68
CA ASP B 215 25.43 -4.13 40.61
C ASP B 215 25.10 -5.35 39.77
N VAL B 216 25.60 -6.52 40.17
CA VAL B 216 25.33 -7.74 39.40
C VAL B 216 24.74 -8.87 40.22
N SER B 217 23.78 -9.58 39.63
CA SER B 217 23.26 -10.83 40.17
C SER B 217 23.27 -11.90 39.09
N LEU B 218 24.16 -12.88 39.22
CA LEU B 218 24.28 -13.94 38.23
C LEU B 218 23.35 -15.09 38.61
N VAL B 219 22.23 -15.19 37.91
CA VAL B 219 21.17 -16.15 38.27
C VAL B 219 21.34 -17.45 37.49
N PRO B 220 21.42 -18.60 38.21
CA PRO B 220 21.59 -19.89 37.52
C PRO B 220 20.29 -20.43 36.91
N ILE B 221 19.60 -19.58 36.16
CA ILE B 221 18.43 -20.01 35.40
C ILE B 221 18.89 -20.21 33.95
N ALA B 222 18.38 -21.25 33.30
CA ALA B 222 18.71 -21.54 31.89
C ALA B 222 20.22 -21.72 31.73
N ASP B 223 20.84 -20.98 30.80
CA ASP B 223 22.30 -21.07 30.62
C ASP B 223 22.97 -19.99 31.44
N GLY B 224 22.30 -19.57 32.51
CA GLY B 224 22.78 -18.47 33.34
C GLY B 224 22.31 -17.13 32.80
N VAL B 225 21.80 -16.29 33.70
CA VAL B 225 21.27 -14.97 33.31
C VAL B 225 21.79 -13.95 34.31
N SER B 226 22.53 -12.96 33.84
CA SER B 226 23.02 -11.88 34.69
C SER B 226 22.05 -10.71 34.70
N LEU B 227 21.66 -10.30 35.91
CA LEU B 227 20.94 -9.07 36.10
C LEU B 227 21.95 -7.99 36.48
N VAL B 228 22.23 -7.10 35.54
CA VAL B 228 23.22 -6.05 35.73
C VAL B 228 22.48 -4.72 35.75
N ARG B 229 22.49 -4.07 36.91
CA ARG B 229 21.77 -2.80 37.05
C ARG B 229 22.73 -1.63 37.10
N LYS B 230 22.51 -0.65 36.23
CA LYS B 230 23.27 0.59 36.25
C LYS B 230 22.89 1.43 37.46
N ARG B 231 23.85 1.64 38.35
CA ARG B 231 23.64 2.40 39.57
C ARG B 231 23.40 3.87 39.26
N LEU B 232 22.65 4.53 40.13
CA LEU B 232 22.43 5.97 40.03
C LEU B 232 23.75 6.70 40.27
N GLU B 233 23.86 7.92 39.77
CA GLU B 233 25.15 8.58 39.64
C GLU B 233 25.42 9.62 40.73
N HIS B 234 26.70 9.99 40.88
CA HIS B 234 27.18 10.97 41.88
C HIS B 234 26.45 10.94 43.23
N ARG C 3 6.80 20.33 -12.97
CA ARG C 3 5.52 19.70 -13.41
C ARG C 3 5.33 18.31 -12.81
N LYS C 4 4.11 18.02 -12.37
CA LYS C 4 3.77 16.73 -11.78
C LYS C 4 3.48 15.66 -12.83
N ASN C 5 2.99 16.09 -13.99
CA ASN C 5 2.61 15.18 -15.05
C ASN C 5 3.48 15.37 -16.27
N ILE C 6 3.76 14.25 -16.94
CA ILE C 6 4.53 14.21 -18.16
C ILE C 6 3.99 15.20 -19.21
N SER C 7 4.90 15.91 -19.87
CA SER C 7 4.55 16.72 -21.02
C SER C 7 4.27 15.82 -22.21
N LEU C 8 3.05 15.90 -22.73
CA LEU C 8 2.66 15.09 -23.88
C LEU C 8 2.99 15.79 -25.18
N THR C 9 3.49 15.01 -26.13
CA THR C 9 3.74 15.48 -27.47
C THR C 9 2.88 14.66 -28.41
N GLU C 10 2.77 15.09 -29.67
CA GLU C 10 2.07 14.33 -30.69
C GLU C 10 2.61 12.92 -30.80
N SER C 11 3.93 12.83 -30.88
CA SER C 11 4.62 11.54 -30.98
C SER C 11 4.30 10.61 -29.83
N LEU C 12 4.27 11.15 -28.61
CA LEU C 12 3.99 10.36 -27.41
C LEU C 12 2.52 9.94 -27.33
N GLU C 13 1.63 10.79 -27.85
CA GLU C 13 0.20 10.47 -27.93
C GLU C 13 -0.09 9.36 -28.93
N GLU C 14 0.67 9.35 -30.03
CA GLU C 14 0.59 8.27 -31.00
C GLU C 14 1.12 6.95 -30.40
N TYR C 15 2.20 7.03 -29.63
CA TYR C 15 2.70 5.88 -28.89
C TYR C 15 1.62 5.32 -27.93
N ILE C 16 1.01 6.21 -27.15
CA ILE C 16 -0.09 5.83 -26.22
C ILE C 16 -1.21 5.10 -26.96
N PHE C 17 -1.72 5.72 -28.02
CA PHE C 17 -2.72 5.12 -28.89
C PHE C 17 -2.32 3.72 -29.35
N ARG C 18 -1.13 3.60 -29.92
CA ARG C 18 -0.65 2.33 -30.49
C ARG C 18 -0.40 1.25 -29.45
N ASN C 19 -0.31 1.64 -28.19
CA ASN C 19 -0.03 0.71 -27.09
C ASN C 19 -1.14 0.55 -26.07
N SER C 20 -2.33 1.07 -26.36
CA SER C 20 -3.45 0.94 -25.41
C SER C 20 -4.81 0.82 -26.07
N VAL C 21 -4.92 1.34 -27.29
CA VAL C 21 -6.21 1.44 -27.93
C VAL C 21 -6.45 0.31 -28.93
N ARG C 22 -7.43 -0.52 -28.63
CA ARG C 22 -7.82 -1.59 -29.53
C ARG C 22 -9.26 -1.36 -30.00
N GLU C 23 -9.42 -0.59 -31.07
CA GLU C 23 -10.69 0.05 -31.38
C GLU C 23 -11.43 -0.70 -32.49
N PRO C 24 -12.65 -1.15 -32.22
CA PRO C 24 -13.49 -1.74 -33.27
C PRO C 24 -13.74 -0.75 -34.40
N ASP C 25 -13.79 -1.26 -35.63
CA ASP C 25 -13.98 -0.45 -36.84
C ASP C 25 -15.25 0.37 -36.78
N SER C 26 -16.28 -0.16 -36.13
CA SER C 26 -17.54 0.56 -35.95
C SER C 26 -17.37 1.79 -35.07
N PHE C 27 -16.57 1.68 -34.01
CA PHE C 27 -16.26 2.81 -33.11
C PHE C 27 -15.50 3.91 -33.87
N LEU C 28 -14.50 3.52 -34.64
CA LEU C 28 -13.74 4.44 -35.49
C LEU C 28 -14.66 5.14 -36.48
N LYS C 29 -15.54 4.34 -37.10
CA LYS C 29 -16.58 4.82 -38.02
C LYS C 29 -17.39 5.96 -37.37
N LEU C 30 -17.84 5.75 -36.14
CA LEU C 30 -18.58 6.76 -35.39
C LEU C 30 -17.80 8.07 -35.20
N ARG C 31 -16.52 7.95 -34.86
CA ARG C 31 -15.67 9.12 -34.65
C ARG C 31 -15.54 9.96 -35.93
N LYS C 32 -15.32 9.27 -37.05
CA LYS C 32 -15.27 9.90 -38.37
C LYS C 32 -16.60 10.60 -38.70
N GLU C 33 -17.72 9.90 -38.46
CA GLU C 33 -19.05 10.48 -38.70
C GLU C 33 -19.28 11.72 -37.84
N THR C 34 -18.91 11.64 -36.56
CA THR C 34 -19.04 12.76 -35.62
C THR C 34 -18.14 13.93 -36.03
N GLY C 35 -16.95 13.63 -36.57
CA GLY C 35 -15.99 14.63 -37.05
C GLY C 35 -16.55 15.54 -38.14
N THR C 36 -17.54 15.06 -38.86
CA THR C 36 -18.26 15.83 -39.87
C THR C 36 -19.13 16.92 -39.22
N LEU C 37 -19.61 16.65 -38.01
CA LEU C 37 -20.50 17.58 -37.31
C LEU C 37 -19.73 18.73 -36.67
N ALA C 38 -20.36 19.91 -36.62
CA ALA C 38 -19.74 21.11 -36.04
C ALA C 38 -19.29 20.89 -34.59
N GLN C 39 -20.15 20.23 -33.80
CA GLN C 39 -19.85 19.92 -32.41
C GLN C 39 -19.06 18.61 -32.31
N ALA C 40 -18.19 18.37 -33.29
CA ALA C 40 -17.37 17.16 -33.37
C ALA C 40 -16.49 16.99 -32.14
N ASN C 41 -15.90 18.10 -31.67
CA ASN C 41 -15.00 18.09 -30.51
C ASN C 41 -15.74 17.83 -29.18
N MET C 42 -17.06 17.69 -29.27
CA MET C 42 -17.90 17.37 -28.12
C MET C 42 -17.74 15.90 -27.70
N GLN C 43 -17.17 15.08 -28.58
CA GLN C 43 -16.98 13.67 -28.25
C GLN C 43 -15.58 13.31 -27.74
N ILE C 44 -15.57 12.31 -26.87
CA ILE C 44 -14.37 11.85 -26.18
C ILE C 44 -13.34 11.23 -27.14
N SER C 45 -12.10 11.14 -26.68
CA SER C 45 -11.06 10.39 -27.36
C SER C 45 -11.28 8.88 -27.17
N PRO C 46 -10.74 8.05 -28.07
CA PRO C 46 -10.78 6.60 -27.86
C PRO C 46 -9.98 6.13 -26.62
N GLU C 47 -8.93 6.87 -26.27
CA GLU C 47 -8.20 6.69 -25.02
C GLU C 47 -9.13 6.87 -23.82
N GLU C 48 -9.86 7.99 -23.81
CA GLU C 48 -10.82 8.20 -22.73
C GLU C 48 -11.89 7.09 -22.72
N GLY C 49 -12.35 6.70 -23.90
CA GLY C 49 -13.24 5.56 -24.06
C GLY C 49 -12.75 4.32 -23.32
N GLN C 50 -11.49 3.97 -23.55
CA GLN C 50 -10.85 2.81 -22.92
C GLN C 50 -10.73 2.95 -21.41
N PHE C 51 -10.50 4.19 -20.97
CA PHE C 51 -10.46 4.53 -19.56
C PHE C 51 -11.82 4.25 -18.91
N LEU C 52 -12.89 4.71 -19.55
CA LEU C 52 -14.26 4.45 -19.09
C LEU C 52 -14.56 2.94 -19.08
N ASN C 53 -14.13 2.26 -20.13
CA ASN C 53 -14.25 0.82 -20.25
C ASN C 53 -13.63 0.10 -19.05
N ILE C 54 -12.35 0.33 -18.79
CA ILE C 54 -11.65 -0.34 -17.69
C ILE C 54 -12.27 -0.01 -16.32
N LEU C 55 -12.62 1.25 -16.12
CA LEU C 55 -13.25 1.69 -14.87
C LEU C 55 -14.58 1.00 -14.63
N THR C 56 -15.36 0.80 -15.69
CA THR C 56 -16.64 0.08 -15.57
C THR C 56 -16.42 -1.34 -15.07
N LYS C 57 -15.44 -2.01 -15.66
CA LYS C 57 -15.07 -3.38 -15.27
C LYS C 57 -14.50 -3.48 -13.85
N ILE C 58 -13.57 -2.58 -13.53
CA ILE C 58 -12.93 -2.55 -12.21
C ILE C 58 -13.99 -2.33 -11.12
N SER C 59 -14.90 -1.39 -11.36
CA SER C 59 -15.94 -1.05 -10.39
C SER C 59 -17.01 -2.12 -10.18
N GLY C 60 -17.13 -3.05 -11.11
CA GLY C 60 -18.17 -4.09 -11.06
C GLY C 60 -19.57 -3.57 -11.34
N ALA C 61 -19.67 -2.33 -11.84
CA ALA C 61 -20.96 -1.68 -12.15
C ALA C 61 -21.89 -2.54 -13.01
N LYS C 62 -23.17 -2.55 -12.64
CA LYS C 62 -24.21 -3.22 -13.43
C LYS C 62 -25.33 -2.26 -13.85
N ARG C 63 -25.43 -1.13 -13.16
CA ARG C 63 -26.40 -0.11 -13.52
C ARG C 63 -25.73 1.25 -13.67
N ILE C 64 -25.69 1.73 -14.90
CA ILE C 64 -25.02 3.00 -15.23
C ILE C 64 -26.03 4.04 -15.73
N ILE C 65 -25.84 5.30 -15.36
CA ILE C 65 -26.56 6.40 -16.01
C ILE C 65 -25.58 7.38 -16.63
N GLU C 66 -25.75 7.60 -17.94
CA GLU C 66 -25.00 8.61 -18.66
C GLU C 66 -25.86 9.86 -18.85
N ILE C 67 -25.37 10.98 -18.34
CA ILE C 67 -26.03 12.28 -18.50
C ILE C 67 -25.32 13.04 -19.61
N GLY C 68 -25.90 12.99 -20.80
CA GLY C 68 -25.28 13.59 -21.98
C GLY C 68 -24.66 12.54 -22.86
N THR C 69 -25.35 12.23 -23.96
CA THR C 69 -25.01 11.10 -24.81
C THR C 69 -24.46 11.47 -26.18
N PHE C 70 -25.02 12.54 -26.78
CA PHE C 70 -24.56 13.02 -28.09
C PHE C 70 -24.62 11.88 -29.11
N THR C 71 -23.59 11.71 -29.94
CA THR C 71 -23.61 10.68 -30.99
C THR C 71 -23.24 9.28 -30.49
N GLY C 72 -22.96 9.17 -29.19
CA GLY C 72 -22.95 7.89 -28.49
C GLY C 72 -21.66 7.16 -28.19
N TYR C 73 -20.51 7.78 -28.41
CA TYR C 73 -19.23 7.06 -28.27
C TYR C 73 -19.02 6.47 -26.87
N SER C 74 -19.24 7.29 -25.85
CA SER C 74 -19.00 6.85 -24.48
C SER C 74 -19.97 5.77 -24.06
N SER C 75 -21.24 5.90 -24.47
CA SER C 75 -22.27 4.90 -24.17
C SER C 75 -21.92 3.55 -24.78
N LEU C 76 -21.32 3.60 -25.96
CA LEU C 76 -20.79 2.42 -26.66
C LEU C 76 -19.70 1.74 -25.83
N CYS C 77 -18.84 2.55 -25.21
CA CYS C 77 -17.78 2.03 -24.33
C CYS C 77 -18.33 1.43 -23.05
N PHE C 78 -19.25 2.14 -22.39
CA PHE C 78 -19.93 1.62 -21.22
C PHE C 78 -20.70 0.34 -21.53
N ALA C 79 -21.47 0.34 -22.62
CA ALA C 79 -22.33 -0.78 -22.98
C ALA C 79 -21.55 -2.06 -23.26
N SER C 80 -20.43 -1.94 -23.97
CA SER C 80 -19.58 -3.10 -24.23
C SER C 80 -18.76 -3.56 -23.02
N ALA C 81 -18.49 -2.65 -22.09
CA ALA C 81 -17.75 -3.00 -20.87
C ALA C 81 -18.61 -3.71 -19.83
N LEU C 82 -19.89 -3.36 -19.78
CA LEU C 82 -20.85 -3.99 -18.85
C LEU C 82 -20.89 -5.50 -19.01
N PRO C 83 -21.19 -6.23 -17.92
CA PRO C 83 -21.38 -7.69 -18.06
C PRO C 83 -22.68 -7.95 -18.82
N GLU C 84 -22.93 -9.19 -19.25
CA GLU C 84 -24.11 -9.44 -20.09
C GLU C 84 -25.43 -9.12 -19.41
N ASP C 85 -25.41 -9.05 -18.07
CA ASP C 85 -26.58 -8.61 -17.30
C ASP C 85 -26.47 -7.16 -16.81
N GLY C 86 -25.54 -6.40 -17.37
CA GLY C 86 -25.33 -5.01 -17.01
C GLY C 86 -26.10 -4.11 -17.96
N LYS C 87 -26.60 -2.99 -17.43
CA LYS C 87 -27.43 -2.07 -18.22
C LYS C 87 -27.07 -0.60 -18.02
N ILE C 88 -27.28 0.21 -19.06
CA ILE C 88 -27.03 1.66 -19.01
C ILE C 88 -28.25 2.48 -19.46
N LEU C 89 -28.62 3.49 -18.67
CA LEU C 89 -29.57 4.51 -19.10
C LEU C 89 -28.85 5.76 -19.61
N CYS C 90 -29.22 6.18 -20.82
CA CYS C 90 -28.67 7.38 -21.44
C CYS C 90 -29.69 8.50 -21.46
N CYS C 91 -29.28 9.68 -21.00
CA CYS C 91 -30.13 10.87 -20.94
C CYS C 91 -29.57 11.91 -21.87
N ASP C 92 -30.41 12.37 -22.80
CA ASP C 92 -30.02 13.41 -23.75
C ASP C 92 -31.26 14.16 -24.18
N VAL C 93 -31.08 15.42 -24.54
CA VAL C 93 -32.16 16.26 -25.06
C VAL C 93 -32.40 16.09 -26.56
N SER C 94 -31.45 15.46 -27.26
CA SER C 94 -31.43 15.49 -28.73
C SER C 94 -31.84 14.18 -29.39
N GLU C 95 -32.95 14.24 -30.11
CA GLU C 95 -33.41 13.09 -30.91
C GLU C 95 -32.42 12.83 -32.04
N GLU C 96 -32.02 13.92 -32.71
CA GLU C 96 -31.13 13.87 -33.86
C GLU C 96 -29.82 13.13 -33.56
N TRP C 97 -29.15 13.52 -32.48
CA TRP C 97 -27.84 12.95 -32.16
C TRP C 97 -27.92 11.56 -31.57
N THR C 98 -28.96 11.30 -30.79
CA THR C 98 -29.16 9.97 -30.25
C THR C 98 -29.66 8.99 -31.31
N ASN C 99 -30.18 9.52 -32.43
CA ASN C 99 -30.43 8.71 -33.61
C ASN C 99 -29.15 8.17 -34.24
N VAL C 100 -28.08 8.98 -34.21
CA VAL C 100 -26.74 8.51 -34.61
C VAL C 100 -26.23 7.48 -33.59
N ALA C 101 -26.35 7.79 -32.30
CA ALA C 101 -25.97 6.85 -31.24
C ALA C 101 -26.60 5.47 -31.45
N ARG C 102 -27.92 5.41 -31.59
CA ARG C 102 -28.64 4.14 -31.77
C ARG C 102 -28.20 3.39 -33.02
N LYS C 103 -27.92 4.12 -34.10
CA LYS C 103 -27.32 3.53 -35.28
C LYS C 103 -26.11 2.67 -34.90
N TYR C 104 -25.25 3.19 -34.03
CA TYR C 104 -24.03 2.48 -33.63
C TYR C 104 -24.27 1.44 -32.55
N TRP C 105 -25.20 1.69 -31.64
CA TRP C 105 -25.64 0.66 -30.70
C TRP C 105 -26.10 -0.60 -31.46
N LYS C 106 -26.91 -0.39 -32.51
CA LYS C 106 -27.43 -1.48 -33.34
C LYS C 106 -26.32 -2.18 -34.10
N GLU C 107 -25.42 -1.39 -34.71
CA GLU C 107 -24.23 -1.92 -35.41
C GLU C 107 -23.42 -2.86 -34.52
N ASN C 108 -23.39 -2.57 -33.22
CA ASN C 108 -22.58 -3.32 -32.28
C ASN C 108 -23.38 -4.32 -31.46
N GLY C 109 -24.67 -4.44 -31.76
CA GLY C 109 -25.57 -5.41 -31.13
C GLY C 109 -25.73 -5.21 -29.63
N LEU C 110 -25.75 -3.94 -29.20
CA LEU C 110 -25.73 -3.59 -27.78
C LEU C 110 -27.03 -2.98 -27.25
N GLU C 111 -28.02 -2.82 -28.13
CA GLU C 111 -29.30 -2.18 -27.76
C GLU C 111 -30.01 -2.79 -26.56
N ASN C 112 -29.94 -4.11 -26.45
CA ASN C 112 -30.55 -4.83 -25.34
C ASN C 112 -30.10 -4.29 -23.98
N LYS C 113 -28.85 -3.84 -23.92
CA LYS C 113 -28.23 -3.32 -22.70
C LYS C 113 -28.54 -1.84 -22.43
N ILE C 114 -29.11 -1.16 -23.43
CA ILE C 114 -29.21 0.30 -23.41
C ILE C 114 -30.64 0.82 -23.31
N PHE C 115 -30.83 1.81 -22.42
CA PHE C 115 -32.11 2.48 -22.19
C PHE C 115 -31.98 3.96 -22.51
N LEU C 116 -32.95 4.52 -23.21
CA LEU C 116 -32.88 5.92 -23.59
C LEU C 116 -34.09 6.70 -23.08
N LYS C 117 -33.82 7.85 -22.48
CA LYS C 117 -34.84 8.80 -22.12
C LYS C 117 -34.46 10.18 -22.63
N LEU C 118 -35.19 10.61 -23.67
CA LEU C 118 -35.05 11.95 -24.22
C LEU C 118 -35.80 12.94 -23.36
N GLY C 119 -35.26 14.16 -23.29
CA GLY C 119 -35.82 15.21 -22.48
C GLY C 119 -34.73 15.80 -21.60
N SER C 120 -35.13 16.73 -20.73
CA SER C 120 -34.26 17.36 -19.75
C SER C 120 -33.76 16.36 -18.70
N ALA C 121 -32.45 16.33 -18.48
CA ALA C 121 -31.85 15.35 -17.56
C ALA C 121 -32.18 15.65 -16.09
N LEU C 122 -32.26 16.93 -15.73
CA LEU C 122 -32.73 17.29 -14.39
C LEU C 122 -34.07 16.62 -14.08
N GLU C 123 -35.00 16.68 -15.03
CA GLU C 123 -36.30 16.03 -14.93
C GLU C 123 -36.21 14.52 -14.92
N THR C 124 -35.44 13.96 -15.84
CA THR C 124 -35.30 12.52 -15.96
C THR C 124 -34.79 11.94 -14.66
N LEU C 125 -33.84 12.63 -14.04
CA LEU C 125 -33.24 12.16 -12.81
C LEU C 125 -34.19 12.31 -11.63
N GLN C 126 -34.93 13.41 -11.57
CA GLN C 126 -35.90 13.64 -10.49
C GLN C 126 -37.05 12.64 -10.50
N VAL C 127 -37.60 12.37 -11.68
CA VAL C 127 -38.65 11.37 -11.84
C VAL C 127 -38.19 9.98 -11.37
N LEU C 128 -36.92 9.69 -11.64
CA LEU C 128 -36.29 8.42 -11.25
C LEU C 128 -36.11 8.34 -9.73
N ILE C 129 -35.72 9.46 -9.12
CA ILE C 129 -35.63 9.53 -7.67
C ILE C 129 -37.00 9.31 -7.01
N ASP C 130 -38.02 10.00 -7.51
CA ASP C 130 -39.36 10.00 -6.90
C ASP C 130 -40.23 8.78 -7.25
N SER C 131 -39.84 8.05 -8.29
CA SER C 131 -40.60 6.88 -8.74
C SER C 131 -40.77 5.83 -7.65
N LYS C 132 -41.99 5.32 -7.52
CA LYS C 132 -42.29 4.24 -6.57
C LYS C 132 -42.26 2.88 -7.28
N SER C 133 -42.65 2.90 -8.54
CA SER C 133 -42.47 1.78 -9.45
C SER C 133 -41.74 2.34 -10.67
N ALA C 134 -41.23 1.45 -11.52
CA ALA C 134 -40.38 1.87 -12.62
C ALA C 134 -41.18 2.44 -13.79
N PRO C 135 -40.77 3.63 -14.28
CA PRO C 135 -41.35 4.12 -15.53
C PRO C 135 -41.00 3.16 -16.66
N SER C 136 -41.79 3.16 -17.73
CA SER C 136 -41.65 2.20 -18.82
C SER C 136 -40.24 2.19 -19.38
N TRP C 137 -39.64 3.38 -19.43
CA TRP C 137 -38.30 3.56 -19.98
C TRP C 137 -37.19 3.11 -19.02
N ALA C 138 -37.53 2.88 -17.75
CA ALA C 138 -36.57 2.36 -16.77
C ALA C 138 -36.97 0.98 -16.23
N SER C 139 -38.05 0.42 -16.75
CA SER C 139 -38.49 -0.90 -16.37
C SER C 139 -37.39 -1.92 -16.65
N ASP C 140 -37.05 -2.68 -15.61
CA ASP C 140 -36.00 -3.70 -15.63
C ASP C 140 -34.57 -3.11 -15.67
N PHE C 141 -34.48 -1.81 -15.39
CA PHE C 141 -33.20 -1.13 -15.21
C PHE C 141 -33.02 -0.85 -13.71
N ALA C 142 -33.56 0.28 -13.25
CA ALA C 142 -33.47 0.69 -11.84
C ALA C 142 -34.32 1.93 -11.59
N PHE C 143 -34.62 2.20 -10.32
CA PHE C 143 -35.30 3.43 -9.91
C PHE C 143 -35.15 3.69 -8.42
N GLY C 144 -35.49 4.90 -8.01
CA GLY C 144 -35.43 5.28 -6.60
C GLY C 144 -34.01 5.64 -6.17
N PRO C 145 -33.86 6.22 -4.96
CA PRO C 145 -32.53 6.55 -4.46
C PRO C 145 -31.69 5.30 -4.23
N SER C 146 -30.38 5.49 -4.13
CA SER C 146 -29.40 4.41 -3.93
C SER C 146 -29.58 3.21 -4.86
N SER C 147 -29.80 3.49 -6.13
CA SER C 147 -30.06 2.40 -7.08
C SER C 147 -29.00 2.25 -8.17
N ILE C 148 -28.10 3.23 -8.29
CA ILE C 148 -27.16 3.29 -9.41
C ILE C 148 -25.72 2.99 -8.99
N ASP C 149 -25.01 2.24 -9.84
CA ASP C 149 -23.61 1.89 -9.57
C ASP C 149 -22.65 2.97 -10.01
N LEU C 150 -22.91 3.53 -11.19
CA LEU C 150 -21.96 4.43 -11.82
C LEU C 150 -22.67 5.49 -12.65
N PHE C 151 -22.15 6.72 -12.56
CA PHE C 151 -22.63 7.83 -13.37
C PHE C 151 -21.54 8.37 -14.27
N PHE C 152 -21.92 8.74 -15.49
CA PHE C 152 -21.07 9.54 -16.36
C PHE C 152 -21.74 10.89 -16.59
N LEU C 153 -21.11 11.96 -16.09
CA LEU C 153 -21.61 13.31 -16.26
C LEU C 153 -20.88 14.04 -17.40
N ASP C 154 -21.62 14.27 -18.49
CA ASP C 154 -21.09 14.93 -19.68
C ASP C 154 -22.16 15.73 -20.42
N ALA C 155 -23.00 16.44 -19.66
CA ALA C 155 -24.11 17.20 -20.25
C ALA C 155 -23.80 18.70 -20.26
N ASP C 156 -24.82 19.53 -20.10
CA ASP C 156 -24.64 20.98 -20.10
C ASP C 156 -23.90 21.43 -18.84
N LYS C 157 -22.78 22.11 -19.04
CA LYS C 157 -21.78 22.35 -18.01
C LYS C 157 -22.27 23.28 -16.91
N GLU C 158 -23.07 24.28 -17.31
CA GLU C 158 -23.58 25.27 -16.36
C GLU C 158 -24.47 24.63 -15.30
N ASN C 159 -25.05 23.48 -15.64
CA ASN C 159 -25.88 22.71 -14.72
C ASN C 159 -25.20 21.63 -13.89
N TYR C 160 -23.87 21.50 -14.00
CA TYR C 160 -23.11 20.48 -13.25
C TYR C 160 -23.37 20.54 -11.74
N PRO C 161 -23.30 21.75 -11.12
CA PRO C 161 -23.62 21.79 -9.68
C PRO C 161 -25.07 21.39 -9.33
N ASN C 162 -25.99 21.43 -10.29
CA ASN C 162 -27.35 20.96 -10.05
C ASN C 162 -27.54 19.46 -10.25
N TYR C 163 -26.75 18.87 -11.14
CA TYR C 163 -26.78 17.42 -11.33
C TYR C 163 -26.22 16.70 -10.10
N TYR C 164 -25.20 17.30 -9.50
CA TYR C 164 -24.46 16.69 -8.40
C TYR C 164 -25.32 16.08 -7.26
N PRO C 165 -26.17 16.90 -6.60
CA PRO C 165 -27.00 16.30 -5.52
C PRO C 165 -27.91 15.16 -5.98
N LEU C 166 -28.43 15.24 -7.20
CA LEU C 166 -29.27 14.19 -7.79
C LEU C 166 -28.49 12.89 -8.07
N ILE C 167 -27.26 13.04 -8.57
CA ILE C 167 -26.34 11.92 -8.79
C ILE C 167 -26.06 11.21 -7.49
N LEU C 168 -25.79 12.01 -6.46
CA LEU C 168 -25.37 11.51 -5.15
C LEU C 168 -26.50 10.74 -4.47
N LYS C 169 -27.74 11.19 -4.72
CA LYS C 169 -28.94 10.54 -4.21
C LYS C 169 -29.23 9.23 -4.95
N LEU C 170 -29.03 9.23 -6.26
CA LEU C 170 -29.25 8.02 -7.06
C LEU C 170 -28.15 6.97 -6.88
N LEU C 171 -26.94 7.41 -6.57
CA LEU C 171 -25.81 6.49 -6.39
C LEU C 171 -25.92 5.68 -5.10
N LYS C 172 -25.62 4.38 -5.20
CA LYS C 172 -25.43 3.54 -4.03
C LYS C 172 -24.18 3.97 -3.28
N PRO C 173 -24.13 3.76 -1.94
CA PRO C 173 -22.86 3.98 -1.24
C PRO C 173 -21.76 3.16 -1.91
N GLY C 174 -20.57 3.74 -2.03
CA GLY C 174 -19.49 3.08 -2.77
C GLY C 174 -19.56 3.27 -4.28
N GLY C 175 -20.65 3.84 -4.78
CA GLY C 175 -20.82 4.11 -6.21
C GLY C 175 -19.90 5.20 -6.75
N LEU C 176 -19.79 5.27 -8.07
CA LEU C 176 -18.83 6.14 -8.74
C LEU C 176 -19.48 7.15 -9.69
N LEU C 177 -19.10 8.42 -9.52
CA LEU C 177 -19.40 9.44 -10.51
C LEU C 177 -18.15 9.71 -11.33
N ILE C 178 -18.28 9.60 -12.64
CA ILE C 178 -17.21 9.98 -13.55
C ILE C 178 -17.64 11.27 -14.22
N ALA C 179 -16.92 12.36 -13.95
CA ALA C 179 -17.29 13.65 -14.48
C ALA C 179 -16.33 14.13 -15.57
N ASP C 180 -16.90 14.44 -16.73
CA ASP C 180 -16.14 14.89 -17.89
C ASP C 180 -15.96 16.42 -17.94
N ASN C 181 -14.90 16.88 -18.62
CA ASN C 181 -14.66 18.31 -18.90
C ASN C 181 -14.37 19.18 -17.69
N VAL C 182 -13.87 18.58 -16.62
CA VAL C 182 -13.68 19.27 -15.34
C VAL C 182 -12.56 20.32 -15.39
N LEU C 183 -11.77 20.33 -16.44
CA LEU C 183 -10.72 21.35 -16.62
C LEU C 183 -11.10 22.42 -17.64
N TRP C 184 -12.14 22.14 -18.44
CA TRP C 184 -12.70 23.08 -19.41
C TRP C 184 -11.63 23.86 -20.17
N ASP C 185 -10.80 23.12 -20.90
CA ASP C 185 -9.68 23.64 -21.68
C ASP C 185 -8.77 24.55 -20.86
N GLY C 186 -8.71 24.29 -19.56
CA GLY C 186 -7.90 25.11 -18.68
C GLY C 186 -8.52 26.41 -18.19
N SER C 187 -9.72 26.75 -18.67
CA SER C 187 -10.38 28.03 -18.30
C SER C 187 -10.77 28.12 -16.83
N VAL C 188 -10.96 26.96 -16.19
CA VAL C 188 -11.30 26.87 -14.76
C VAL C 188 -10.25 27.54 -13.86
N ALA C 189 -8.99 27.54 -14.29
CA ALA C 189 -7.91 28.13 -13.53
C ALA C 189 -7.71 29.64 -13.81
N ASP C 190 -8.46 30.18 -14.77
CA ASP C 190 -8.31 31.58 -15.19
C ASP C 190 -9.56 32.37 -14.83
N LEU C 191 -9.48 33.19 -13.79
CA LEU C 191 -10.68 33.89 -13.29
C LEU C 191 -11.25 34.95 -14.22
N SER C 192 -10.50 35.33 -15.26
CA SER C 192 -11.03 36.16 -16.34
C SER C 192 -12.16 35.46 -17.09
N HIS C 193 -12.14 34.13 -17.09
CA HIS C 193 -13.22 33.34 -17.66
C HIS C 193 -14.39 33.15 -16.70
N GLN C 194 -15.52 33.75 -17.05
CA GLN C 194 -16.71 33.80 -16.20
C GLN C 194 -17.97 33.44 -17.00
N GLU C 195 -17.77 32.62 -18.04
CA GLU C 195 -18.88 32.09 -18.82
C GLU C 195 -19.70 31.16 -17.94
N PRO C 196 -21.02 31.06 -18.18
CA PRO C 196 -21.88 30.17 -17.38
C PRO C 196 -21.40 28.71 -17.29
N SER C 197 -20.77 28.21 -18.34
CA SER C 197 -20.28 26.82 -18.35
C SER C 197 -19.07 26.68 -17.42
N THR C 198 -18.13 27.60 -17.58
CA THR C 198 -16.93 27.67 -16.74
C THR C 198 -17.28 27.83 -15.28
N VAL C 199 -18.29 28.67 -15.00
CA VAL C 199 -18.74 28.87 -13.62
C VAL C 199 -19.33 27.57 -13.06
N GLY C 200 -20.23 26.92 -13.80
CA GLY C 200 -20.83 25.65 -13.39
C GLY C 200 -19.80 24.59 -13.03
N ILE C 201 -18.82 24.39 -13.91
CA ILE C 201 -17.73 23.44 -13.65
C ILE C 201 -16.88 23.77 -12.41
N ARG C 202 -16.47 25.04 -12.28
CA ARG C 202 -15.75 25.50 -11.06
C ARG C 202 -16.51 25.21 -9.79
N LYS C 203 -17.80 25.57 -9.77
CA LYS C 203 -18.70 25.31 -8.65
C LYS C 203 -18.82 23.82 -8.36
N PHE C 204 -18.96 23.03 -9.41
CA PHE C 204 -18.99 21.57 -9.30
C PHE C 204 -17.70 21.05 -8.66
N ASN C 205 -16.54 21.45 -9.19
CA ASN C 205 -15.25 20.99 -8.65
C ASN C 205 -15.11 21.35 -7.17
N GLU C 206 -15.60 22.53 -6.82
CA GLU C 206 -15.57 23.06 -5.48
C GLU C 206 -16.47 22.25 -4.54
N LEU C 207 -17.71 21.97 -4.97
CA LEU C 207 -18.65 21.13 -4.22
C LEU C 207 -18.07 19.76 -3.88
N VAL C 208 -17.50 19.12 -4.91
CA VAL C 208 -16.91 17.79 -4.79
C VAL C 208 -15.75 17.81 -3.79
N TYR C 209 -14.85 18.77 -3.95
CA TYR C 209 -13.69 18.92 -3.08
C TYR C 209 -14.02 19.11 -1.61
N ASN C 210 -15.10 19.84 -1.32
CA ASN C 210 -15.44 20.17 0.05
C ASN C 210 -16.46 19.19 0.64
N ASP C 211 -16.89 18.23 -0.17
CA ASP C 211 -17.88 17.23 0.26
C ASP C 211 -17.21 16.04 0.94
N SER C 212 -17.49 15.89 2.23
CA SER C 212 -16.89 14.82 3.04
C SER C 212 -17.56 13.49 2.79
N LEU C 213 -18.69 13.51 2.07
CA LEU C 213 -19.40 12.30 1.71
C LEU C 213 -18.78 11.57 0.52
N VAL C 214 -17.80 12.20 -0.13
CA VAL C 214 -17.15 11.62 -1.30
C VAL C 214 -15.62 11.75 -1.24
N ASP C 215 -14.94 10.99 -2.11
CA ASP C 215 -13.52 11.18 -2.39
C ASP C 215 -13.36 11.52 -3.86
N VAL C 216 -12.33 12.27 -4.19
CA VAL C 216 -12.11 12.71 -5.58
C VAL C 216 -10.67 12.48 -6.07
N SER C 217 -10.58 12.01 -7.31
CA SER C 217 -9.32 12.03 -8.04
C SER C 217 -9.56 12.72 -9.38
N LEU C 218 -8.86 13.83 -9.60
CA LEU C 218 -9.01 14.61 -10.82
C LEU C 218 -7.87 14.28 -11.79
N VAL C 219 -8.20 13.48 -12.80
CA VAL C 219 -7.24 12.87 -13.69
C VAL C 219 -7.04 13.75 -14.92
N PRO C 220 -5.79 14.14 -15.22
CA PRO C 220 -5.61 15.00 -16.40
C PRO C 220 -5.62 14.23 -17.73
N ILE C 221 -6.67 13.43 -17.92
CA ILE C 221 -6.89 12.78 -19.19
C ILE C 221 -7.97 13.55 -19.96
N ALA C 222 -7.81 13.65 -21.27
CA ALA C 222 -8.71 14.42 -22.13
C ALA C 222 -8.82 15.87 -21.64
N ASP C 223 -10.02 16.32 -21.31
CA ASP C 223 -10.25 17.69 -20.82
C ASP C 223 -10.45 17.70 -19.29
N GLY C 224 -9.80 16.76 -18.61
CA GLY C 224 -9.98 16.56 -17.17
C GLY C 224 -11.11 15.56 -16.93
N VAL C 225 -10.84 14.54 -16.13
CA VAL C 225 -11.87 13.58 -15.74
C VAL C 225 -11.78 13.35 -14.23
N SER C 226 -12.86 13.68 -13.52
CA SER C 226 -12.92 13.48 -12.09
C SER C 226 -13.54 12.17 -11.74
N LEU C 227 -12.85 11.42 -10.90
CA LEU C 227 -13.38 10.18 -10.35
C LEU C 227 -13.87 10.53 -8.96
N VAL C 228 -15.19 10.49 -8.79
CA VAL C 228 -15.84 10.90 -7.55
C VAL C 228 -16.57 9.71 -6.93
N ARG C 229 -15.99 9.15 -5.87
CA ARG C 229 -16.58 7.98 -5.23
C ARG C 229 -17.39 8.36 -3.99
N LYS C 230 -18.65 7.93 -3.97
CA LYS C 230 -19.52 8.12 -2.83
C LYS C 230 -19.06 7.14 -1.75
N ARG C 231 -18.78 7.67 -0.56
CA ARG C 231 -18.28 6.85 0.54
C ARG C 231 -19.38 6.02 1.17
N LEU C 232 -18.98 4.94 1.83
CA LEU C 232 -19.91 4.03 2.48
C LEU C 232 -20.51 4.68 3.73
N GLU C 233 -21.68 4.15 4.12
CA GLU C 233 -22.45 4.61 5.29
C GLU C 233 -22.81 6.10 5.21
#